data_1OL2
#
_entry.id   1OL2
#
_cell.length_a   73.540
_cell.length_b   112.980
_cell.length_c   153.089
_cell.angle_alpha   90.00
_cell.angle_beta   90.00
_cell.angle_gamma   90.00
#
_symmetry.space_group_name_H-M   'P 21 21 21'
#
loop_
_entity.id
_entity.type
_entity.pdbx_description
1 polymer 'CELL DIVISION PROTEIN KINASE 2'
2 polymer 'CYCLIN A2'
3 polymer ARG-ARG-LEU-ASN-PFF-NH2
4 water water
#
loop_
_entity_poly.entity_id
_entity_poly.type
_entity_poly.pdbx_seq_one_letter_code
_entity_poly.pdbx_strand_id
1 'polypeptide(L)'
;MENFQKVEKIGEGTYGVVYKARNKLTGEVVALKKIRLDTETEGVPSTAIREISLLKELNHPNIVKLLDVIHTENKLYLVF
EFLHQDLKKFMDASALTGIPLPLIKSYLFQLLQGLAFCHSHRVLHRDLKPQNLLINTEGAIKLADFGLARAFGVPVRTYT
HEVVTLWYRAPEILLGCKYYSTAVDIWSLGCIFAEMVTRRALFPGDSEIDQLFRIFRTLGTPDEVVWPGVTSMPDYKPSF
PKWARQDFSKVVPPLDEDGRSLLSQMLHYDPNKRISAKAALAHPFFQDVTKPVPHLRL
;
A,C
2 'polypeptide(L)'
;NEVPDYHEDIHTYLREMEVKCKPKVGYMKKQPDITNSMRAILVDWLVEVGEEYKLQNETLHLAVNYIDRFLSSMSVLRGK
LQLVGTAAMLLASKFEEIYPPEVAEFVYITDDTYTKKQVLRMEHLVLKVLTFDLAAPTVNQFLTQYFLHQQPANCKVESL
AMFLGELSLIDADPYLKYLPSVIAGAAFHLALYTVTGQSWPESLIRKTGYTLESLKPCLMDLHQTYLKAPQHAQQSIREK
YKNSKYHGVSLLNPPETLNL
;
B,D
3 'polypeptide(L)' RRLN(PFF)(NH2) E,F
#
# COMPACT_ATOMS: atom_id res chain seq x y z
N MET A 1 20.66 -2.37 -0.40
CA MET A 1 21.78 -1.42 -0.63
C MET A 1 22.61 -1.91 -1.81
N GLU A 2 22.17 -3.01 -2.38
CA GLU A 2 22.86 -3.60 -3.51
C GLU A 2 22.99 -2.57 -4.63
N ASN A 3 21.93 -1.83 -4.85
CA ASN A 3 21.89 -0.94 -5.97
C ASN A 3 22.35 0.49 -5.68
N PHE A 4 23.06 0.73 -4.57
CA PHE A 4 23.57 2.04 -4.28
C PHE A 4 25.09 1.92 -4.18
N GLN A 5 25.75 2.78 -4.95
CA GLN A 5 27.14 3.12 -4.70
C GLN A 5 27.26 4.33 -3.76
N LYS A 6 28.15 4.24 -2.78
CA LYS A 6 28.46 5.43 -1.99
C LYS A 6 29.52 6.25 -2.69
N VAL A 7 29.35 7.55 -2.63
CA VAL A 7 30.15 8.44 -3.44
C VAL A 7 31.05 9.21 -2.48
N GLU A 8 30.41 9.85 -1.51
CA GLU A 8 31.09 10.55 -0.42
C GLU A 8 30.18 10.90 0.75
N LYS A 9 30.74 11.21 1.91
CA LYS A 9 29.92 11.74 2.99
C LYS A 9 29.66 13.24 2.75
N ILE A 10 28.49 13.70 3.09
CA ILE A 10 28.26 15.11 2.83
C ILE A 10 27.70 15.78 4.08
N GLY A 11 28.09 15.31 5.26
CA GLY A 11 27.56 15.85 6.49
C GLY A 11 26.90 14.77 7.33
N GLU A 12 26.48 15.14 8.54
CA GLU A 12 25.81 14.20 9.43
C GLU A 12 24.70 14.92 10.21
N GLY A 13 23.98 14.16 11.05
CA GLY A 13 23.12 14.80 12.03
C GLY A 13 22.74 13.84 13.14
N THR A 14 21.44 13.82 13.40
CA THR A 14 20.82 12.61 13.89
C THR A 14 21.02 11.40 12.94
N TYR A 15 21.31 10.23 13.51
CA TYR A 15 21.68 9.01 12.77
C TYR A 15 23.08 8.93 12.14
N GLY A 16 23.41 9.94 11.33
CA GLY A 16 24.80 10.20 10.96
C GLY A 16 25.19 9.74 9.56
N VAL A 17 26.49 9.75 9.31
CA VAL A 17 27.08 9.44 8.01
C VAL A 17 26.04 9.54 6.87
N VAL A 18 25.38 10.70 6.75
CA VAL A 18 24.60 11.05 5.57
C VAL A 18 25.56 10.99 4.38
N TYR A 19 25.40 10.02 3.49
CA TYR A 19 26.24 9.94 2.30
C TYR A 19 25.52 10.41 1.03
N LYS A 20 26.28 11.01 0.12
CA LYS A 20 25.86 11.05 -1.27
C LYS A 20 25.92 9.63 -1.81
N ALA A 21 24.87 9.18 -2.45
CA ALA A 21 24.97 7.88 -3.12
C ALA A 21 24.23 7.89 -4.47
N ARG A 22 24.63 7.01 -5.39
CA ARG A 22 24.00 6.98 -6.70
C ARG A 22 23.44 5.59 -6.90
N ASN A 23 22.19 5.53 -7.33
CA ASN A 23 21.51 4.30 -7.71
C ASN A 23 22.17 3.77 -9.00
N LYS A 24 22.76 2.58 -8.93
CA LYS A 24 23.46 2.01 -10.06
C LYS A 24 22.51 1.67 -11.21
N LEU A 25 21.23 1.45 -10.91
CA LEU A 25 20.31 1.04 -11.96
C LEU A 25 19.60 2.20 -12.70
N THR A 26 19.16 3.21 -11.95
CA THR A 26 18.36 4.30 -12.51
C THR A 26 19.23 5.47 -12.73
N GLY A 27 20.34 5.52 -12.03
CA GLY A 27 21.29 6.62 -12.19
C GLY A 27 20.99 7.83 -11.30
N GLU A 28 19.91 7.80 -10.54
CA GLU A 28 19.59 8.88 -9.63
C GLU A 28 20.64 9.09 -8.53
N VAL A 29 20.87 10.33 -8.15
CA VAL A 29 21.69 10.60 -6.98
C VAL A 29 20.83 11.03 -5.83
N VAL A 30 21.01 10.29 -4.75
CA VAL A 30 20.27 10.51 -3.55
C VAL A 30 21.21 10.74 -2.36
N ALA A 31 20.61 11.03 -1.21
CA ALA A 31 21.33 10.97 0.07
C ALA A 31 20.87 9.82 0.97
N LEU A 32 21.85 9.27 1.68
CA LEU A 32 21.66 8.01 2.35
C LEU A 32 21.88 8.23 3.83
N LYS A 33 20.86 8.67 4.54
CA LYS A 33 20.90 8.65 6.01
C LYS A 33 20.95 7.21 6.54
N LYS A 34 22.14 6.76 6.96
CA LYS A 34 22.29 5.39 7.44
C LYS A 34 22.29 5.37 8.97
N ILE A 35 21.41 4.54 9.52
CA ILE A 35 21.13 4.58 10.94
C ILE A 35 21.77 3.37 11.57
N ARG A 36 22.66 3.72 12.48
CA ARG A 36 23.56 2.81 13.16
C ARG A 36 22.75 1.68 13.77
N LEU A 37 21.88 2.04 14.70
CA LEU A 37 20.80 1.17 15.21
C LEU A 37 21.22 0.03 16.15
N ASP A 38 21.16 0.35 17.47
CA ASP A 38 21.69 -0.49 18.56
C ASP A 38 20.97 -1.84 18.67
N THR A 39 21.65 -2.89 18.25
CA THR A 39 21.00 -4.20 18.05
C THR A 39 20.53 -4.84 19.37
N GLU A 40 21.16 -4.44 20.48
CA GLU A 40 20.84 -4.95 21.81
C GLU A 40 20.41 -3.85 22.80
N THR A 41 20.91 -2.63 22.65
CA THR A 41 20.70 -1.60 23.68
C THR A 41 19.40 -0.83 23.55
N GLU A 42 19.19 -0.07 22.49
CA GLU A 42 18.04 0.84 22.46
C GLU A 42 17.04 0.65 21.33
N GLY A 43 17.46 0.01 20.25
CA GLY A 43 16.58 -0.19 19.11
C GLY A 43 16.63 0.95 18.12
N VAL A 44 15.55 1.08 17.37
CA VAL A 44 15.37 2.22 16.45
C VAL A 44 15.12 3.49 17.24
N PRO A 45 15.94 4.50 17.02
CA PRO A 45 15.86 5.72 17.81
C PRO A 45 14.64 6.57 17.46
N SER A 46 14.27 7.47 18.39
CA SER A 46 12.97 8.09 18.40
C SER A 46 13.03 9.05 17.24
N THR A 47 14.22 9.55 16.95
CA THR A 47 14.34 10.47 15.85
C THR A 47 14.11 9.81 14.50
N ALA A 48 14.56 8.59 14.30
CA ALA A 48 14.19 7.87 13.08
C ALA A 48 12.70 7.56 12.97
N ILE A 49 12.05 7.22 14.08
CA ILE A 49 10.65 6.81 14.04
C ILE A 49 9.82 8.01 13.60
N ARG A 50 10.14 9.16 14.18
CA ARG A 50 9.43 10.38 13.91
C ARG A 50 9.70 10.76 12.48
N GLU A 51 10.95 10.95 12.11
CA GLU A 51 11.22 11.41 10.76
C GLU A 51 10.54 10.52 9.71
N ILE A 52 10.63 9.20 9.84
CA ILE A 52 10.22 8.35 8.76
C ILE A 52 8.72 8.39 8.67
N SER A 53 8.04 8.28 9.82
CA SER A 53 6.57 8.25 9.81
C SER A 53 5.96 9.56 9.33
N LEU A 54 6.53 10.69 9.76
CA LEU A 54 6.07 12.01 9.37
C LEU A 54 6.36 12.46 7.94
N LEU A 55 7.59 12.24 7.46
CA LEU A 55 7.91 12.49 6.05
C LEU A 55 7.15 11.63 5.04
N LYS A 56 6.77 10.40 5.41
CA LYS A 56 6.01 9.52 4.53
C LYS A 56 4.69 10.21 4.09
N GLU A 57 4.04 10.87 5.05
CA GLU A 57 2.77 11.60 4.88
C GLU A 57 2.89 12.99 4.21
N LEU A 58 4.09 13.55 4.21
CA LEU A 58 4.39 14.90 3.69
C LEU A 58 5.00 14.89 2.26
N ASN A 59 4.17 14.94 1.23
CA ASN A 59 4.69 14.97 -0.15
C ASN A 59 4.50 16.38 -0.69
N HIS A 60 5.56 17.17 -0.68
CA HIS A 60 5.47 18.58 -1.08
C HIS A 60 6.77 19.05 -1.69
N PRO A 61 6.69 19.97 -2.63
CA PRO A 61 7.88 20.37 -3.39
C PRO A 61 8.95 20.97 -2.51
N ASN A 62 8.50 21.44 -1.35
CA ASN A 62 9.37 22.15 -0.43
C ASN A 62 9.62 21.36 0.85
N ILE A 63 9.45 20.04 0.79
CA ILE A 63 9.85 19.09 1.84
C ILE A 63 10.58 17.89 1.25
N VAL A 64 11.68 17.51 1.87
CA VAL A 64 12.61 16.54 1.30
C VAL A 64 11.82 15.30 1.17
N LYS A 65 11.92 14.66 0.01
CA LYS A 65 11.23 13.41 -0.28
C LYS A 65 12.03 12.32 0.40
N LEU A 66 11.37 11.49 1.20
CA LEU A 66 11.84 10.16 1.52
C LEU A 66 11.43 9.22 0.38
N LEU A 67 12.43 8.68 -0.29
CA LEU A 67 12.20 7.93 -1.51
C LEU A 67 11.99 6.47 -1.21
N ASP A 68 12.75 5.98 -0.24
CA ASP A 68 12.66 4.58 0.18
C ASP A 68 13.12 4.41 1.63
N VAL A 69 12.64 3.37 2.27
CA VAL A 69 13.31 2.90 3.45
C VAL A 69 13.79 1.44 3.30
N ILE A 70 15.02 1.19 3.73
CA ILE A 70 15.62 -0.14 3.57
C ILE A 70 15.96 -0.75 4.92
N HIS A 71 15.27 -1.85 5.25
CA HIS A 71 15.23 -2.34 6.62
C HIS A 71 15.90 -3.70 6.67
N THR A 72 17.22 -3.74 6.93
CA THR A 72 17.91 -5.03 7.10
C THR A 72 18.04 -5.49 8.56
N GLU A 73 18.65 -6.66 8.76
CA GLU A 73 18.86 -7.20 10.11
C GLU A 73 19.41 -6.11 11.03
N ASN A 74 20.58 -5.52 10.72
CA ASN A 74 21.17 -4.59 11.68
C ASN A 74 21.51 -3.22 11.12
N LYS A 75 20.80 -2.82 10.07
CA LYS A 75 20.93 -1.46 9.58
C LYS A 75 19.59 -1.02 9.00
N LEU A 76 19.35 0.28 9.05
CA LEU A 76 18.11 0.87 8.56
C LEU A 76 18.59 2.05 7.73
N TYR A 77 18.43 1.97 6.42
CA TYR A 77 18.89 3.05 5.55
C TYR A 77 17.72 3.90 5.10
N LEU A 78 17.88 5.22 5.17
CA LEU A 78 16.91 6.17 4.64
C LEU A 78 17.42 6.79 3.34
N VAL A 79 16.53 6.92 2.38
CA VAL A 79 16.92 7.43 1.09
C VAL A 79 16.05 8.66 0.82
N PHE A 80 16.74 9.78 0.64
CA PHE A 80 16.08 11.06 0.35
C PHE A 80 16.51 11.56 -1.00
N GLU A 81 15.78 12.55 -1.50
CA GLU A 81 16.19 13.23 -2.69
C GLU A 81 17.52 13.88 -2.29
N PHE A 82 18.46 14.01 -3.22
CA PHE A 82 19.64 14.80 -2.93
C PHE A 82 19.55 16.31 -3.10
N LEU A 83 20.10 17.04 -2.14
CA LEU A 83 20.20 18.51 -2.23
C LEU A 83 21.56 18.96 -1.74
N HIS A 84 22.27 19.75 -2.53
CA HIS A 84 23.72 19.64 -2.48
C HIS A 84 24.30 20.55 -1.42
N GLN A 85 23.52 21.55 -1.03
CA GLN A 85 23.86 22.18 0.24
C GLN A 85 22.74 22.74 1.08
N ASP A 86 23.12 23.20 2.26
CA ASP A 86 22.13 23.72 3.16
C ASP A 86 22.31 25.23 3.30
N LEU A 87 21.30 25.90 3.84
CA LEU A 87 21.24 27.35 3.89
C LEU A 87 22.43 27.92 4.68
N LYS A 88 22.85 27.26 5.74
CA LYS A 88 23.93 27.74 6.58
C LYS A 88 25.18 27.87 5.75
N LYS A 89 25.54 26.79 5.04
CA LYS A 89 26.75 26.80 4.24
C LYS A 89 26.62 27.88 3.20
N PHE A 90 25.40 28.11 2.75
CA PHE A 90 25.17 29.00 1.62
C PHE A 90 25.23 30.41 2.11
N MET A 91 24.91 30.63 3.38
CA MET A 91 25.06 31.97 3.95
C MET A 91 26.51 32.32 4.27
N ASP A 92 27.29 31.40 4.85
CA ASP A 92 28.70 31.68 5.09
C ASP A 92 29.45 32.03 3.81
N ALA A 93 29.06 31.37 2.72
CA ALA A 93 29.70 31.49 1.41
C ALA A 93 29.30 32.83 0.87
N SER A 94 28.05 33.18 1.14
CA SER A 94 27.47 34.42 0.62
C SER A 94 27.64 35.52 1.68
N ALA A 95 28.46 35.27 2.70
CA ALA A 95 28.76 36.29 3.69
C ALA A 95 29.73 37.24 2.99
N LEU A 96 29.39 38.53 2.94
CA LEU A 96 30.25 39.54 2.30
C LEU A 96 29.53 40.40 1.28
N THR A 97 28.81 39.74 0.39
CA THR A 97 28.04 40.40 -0.66
C THR A 97 26.55 40.39 -0.30
N GLY A 98 26.16 39.42 0.52
CA GLY A 98 24.76 39.17 0.81
C GLY A 98 24.13 38.17 -0.14
N ILE A 99 23.27 37.31 0.40
CA ILE A 99 22.23 36.72 -0.42
C ILE A 99 21.29 37.80 -0.92
N PRO A 100 21.06 37.82 -2.22
CA PRO A 100 20.34 38.95 -2.81
C PRO A 100 18.90 38.86 -2.36
N LEU A 101 18.23 40.01 -2.36
CA LEU A 101 16.89 40.11 -1.83
C LEU A 101 15.91 39.20 -2.54
N PRO A 102 15.93 39.19 -3.87
CA PRO A 102 14.97 38.38 -4.63
C PRO A 102 15.08 36.91 -4.21
N LEU A 103 16.28 36.52 -3.78
CA LEU A 103 16.45 35.10 -3.53
C LEU A 103 15.94 34.81 -2.13
N ILE A 104 16.14 35.75 -1.21
CA ILE A 104 15.59 35.63 0.13
C ILE A 104 14.09 35.53 0.11
N LYS A 105 13.45 36.35 -0.72
CA LYS A 105 12.00 36.29 -0.85
C LYS A 105 11.51 34.93 -1.39
N SER A 106 12.21 34.37 -2.38
CA SER A 106 11.82 33.09 -2.97
C SER A 106 11.97 32.07 -1.87
N TYR A 107 13.11 32.07 -1.23
CA TYR A 107 13.38 31.08 -0.21
C TYR A 107 12.36 31.12 0.93
N LEU A 108 12.04 32.30 1.45
CA LEU A 108 11.03 32.37 2.51
C LEU A 108 9.63 31.95 2.01
N PHE A 109 9.30 32.27 0.78
CA PHE A 109 7.99 31.89 0.21
C PHE A 109 7.85 30.37 0.18
N GLN A 110 8.91 29.72 -0.25
CA GLN A 110 8.91 28.29 -0.37
C GLN A 110 8.87 27.65 1.01
N LEU A 111 9.60 28.22 1.95
CA LEU A 111 9.73 27.63 3.26
C LEU A 111 8.35 27.75 3.92
N LEU A 112 7.71 28.91 3.77
CA LEU A 112 6.34 29.10 4.24
C LEU A 112 5.36 28.10 3.61
N GLN A 113 5.62 27.73 2.37
CA GLN A 113 4.74 26.81 1.66
C GLN A 113 4.92 25.42 2.24
N GLY A 114 6.17 25.09 2.62
CA GLY A 114 6.50 23.81 3.19
C GLY A 114 5.95 23.73 4.59
N LEU A 115 6.12 24.83 5.30
CA LEU A 115 5.59 24.86 6.65
C LEU A 115 4.06 24.78 6.70
N ALA A 116 3.40 25.36 5.71
CA ALA A 116 1.95 25.44 5.69
C ALA A 116 1.47 24.02 5.51
N PHE A 117 2.13 23.33 4.59
CA PHE A 117 1.82 21.93 4.37
C PHE A 117 1.99 21.03 5.62
N CYS A 118 3.07 21.20 6.36
CA CYS A 118 3.33 20.39 7.55
C CYS A 118 2.23 20.66 8.53
N HIS A 119 2.07 21.94 8.85
CA HIS A 119 1.11 22.37 9.87
C HIS A 119 -0.35 21.93 9.59
N SER A 120 -0.78 22.07 8.33
CA SER A 120 -2.05 21.53 7.85
C SER A 120 -2.12 19.99 7.90
N HIS A 121 -0.96 19.34 7.99
CA HIS A 121 -0.92 17.90 8.19
C HIS A 121 -0.48 17.52 9.62
N ARG A 122 -0.88 18.36 10.57
CA ARG A 122 -0.65 18.21 11.98
C ARG A 122 0.75 17.78 12.33
N VAL A 123 1.72 18.47 11.76
CA VAL A 123 3.11 18.15 12.02
C VAL A 123 3.92 19.40 12.28
N LEU A 124 4.48 19.51 13.49
CA LEU A 124 5.45 20.55 13.86
C LEU A 124 6.85 20.15 13.54
N HIS A 125 7.64 21.09 13.04
CA HIS A 125 9.01 20.76 12.75
C HIS A 125 9.94 20.83 13.94
N ARG A 126 9.81 21.89 14.73
CA ARG A 126 10.39 21.98 16.06
C ARG A 126 11.82 22.51 16.03
N ASP A 127 12.56 22.12 15.02
CA ASP A 127 13.97 22.45 14.93
C ASP A 127 14.28 23.10 13.58
N LEU A 128 13.59 24.19 13.26
CA LEU A 128 13.90 24.92 12.01
C LEU A 128 15.11 25.77 12.23
N LYS A 129 16.12 25.63 11.37
CA LYS A 129 17.33 26.44 11.40
C LYS A 129 18.08 26.28 10.07
N PRO A 130 18.96 27.19 9.73
CA PRO A 130 19.61 27.19 8.42
C PRO A 130 20.39 25.93 8.13
N GLN A 131 20.82 25.19 9.14
CA GLN A 131 21.43 23.89 8.81
C GLN A 131 20.43 22.88 8.25
N ASN A 132 19.18 22.98 8.67
CA ASN A 132 18.16 21.95 8.39
C ASN A 132 17.32 22.36 7.16
N LEU A 133 17.72 23.43 6.47
CA LEU A 133 17.09 23.83 5.21
C LEU A 133 17.98 23.57 3.98
N LEU A 134 17.49 22.76 3.07
CA LEU A 134 18.37 22.34 1.99
C LEU A 134 18.03 23.07 0.69
N ILE A 135 19.05 23.43 -0.08
CA ILE A 135 18.79 24.07 -1.38
C ILE A 135 19.43 23.32 -2.55
N ASN A 136 18.81 23.44 -3.72
CA ASN A 136 19.40 22.91 -4.94
C ASN A 136 19.78 24.07 -5.84
N THR A 137 20.47 23.75 -6.94
CA THR A 137 20.92 24.76 -7.90
C THR A 137 19.80 25.43 -8.69
N GLU A 138 18.59 24.90 -8.71
CA GLU A 138 17.56 25.48 -9.53
C GLU A 138 16.67 26.43 -8.70
N GLY A 139 17.13 26.80 -7.53
CA GLY A 139 16.47 27.84 -6.79
C GLY A 139 15.51 27.41 -5.71
N ALA A 140 15.28 26.10 -5.63
CA ALA A 140 14.37 25.53 -4.64
C ALA A 140 15.03 25.42 -3.29
N ILE A 141 14.21 25.54 -2.25
CA ILE A 141 14.64 25.24 -0.90
C ILE A 141 13.59 24.32 -0.24
N LYS A 142 14.03 23.44 0.67
CA LYS A 142 13.18 22.41 1.26
C LYS A 142 13.41 22.21 2.78
N LEU A 143 12.34 21.91 3.53
CA LEU A 143 12.51 21.53 4.90
C LEU A 143 13.12 20.14 4.94
N ALA A 144 14.22 20.01 5.68
CA ALA A 144 14.79 18.72 6.04
C ALA A 144 14.90 18.45 7.56
N ASP A 145 15.52 17.34 7.93
CA ASP A 145 15.69 16.91 9.32
C ASP A 145 14.44 16.92 10.20
N PHE A 146 13.55 15.95 10.00
CA PHE A 146 12.38 15.87 10.85
C PHE A 146 12.55 15.04 12.10
N GLY A 147 13.75 14.92 12.64
CA GLY A 147 13.95 13.95 13.73
C GLY A 147 13.37 14.42 15.04
N LEU A 148 13.16 15.72 15.19
CA LEU A 148 12.45 16.23 16.34
C LEU A 148 11.02 16.61 15.98
N ALA A 149 10.58 16.29 14.77
CA ALA A 149 9.26 16.73 14.34
C ALA A 149 8.25 15.92 15.09
N ARG A 150 7.15 16.59 15.41
CA ARG A 150 6.08 15.94 16.18
C ARG A 150 4.74 16.13 15.51
N ALA A 151 3.93 15.09 15.62
CA ALA A 151 2.51 15.11 15.34
C ALA A 151 1.76 15.76 16.50
N PHE A 152 1.05 16.84 16.20
CA PHE A 152 0.22 17.58 17.15
C PHE A 152 -1.32 17.39 16.95
N GLY A 153 -1.73 16.16 16.68
CA GLY A 153 -3.09 15.71 16.88
C GLY A 153 -3.60 15.94 18.29
N VAL A 154 -2.71 15.69 19.24
CA VAL A 154 -2.86 16.21 20.60
C VAL A 154 -1.78 17.24 20.81
N PRO A 155 -1.96 18.23 21.67
CA PRO A 155 -0.91 19.25 21.82
C PRO A 155 0.33 18.59 22.37
N VAL A 156 1.45 19.10 21.90
CA VAL A 156 2.74 18.50 22.14
C VAL A 156 3.37 19.11 23.36
N ARG A 157 3.42 18.35 24.45
CA ARG A 157 4.10 18.74 25.70
C ARG A 157 5.56 18.99 25.41
N THR A 158 6.08 20.06 25.99
CA THR A 158 7.38 20.59 25.64
C THR A 158 8.36 19.92 26.54
N TYR A 159 9.62 19.98 26.13
CA TYR A 159 10.74 19.50 26.94
C TYR A 159 10.95 20.51 28.06
N THR A 160 11.10 20.04 29.29
CA THR A 160 11.47 20.92 30.41
C THR A 160 12.77 21.67 30.09
N HIS A 161 13.77 20.95 29.64
CA HIS A 161 15.00 21.61 29.21
C HIS A 161 15.12 21.47 27.69
N GLU A 162 14.96 22.58 27.02
CA GLU A 162 14.82 22.54 25.59
C GLU A 162 16.13 22.10 24.94
N VAL A 163 16.02 21.21 23.96
CA VAL A 163 17.17 20.58 23.36
C VAL A 163 17.47 21.17 21.99
N VAL A 164 16.75 22.23 21.60
CA VAL A 164 16.40 22.41 20.19
C VAL A 164 17.34 23.35 19.47
N THR A 165 17.66 24.47 20.10
CA THR A 165 18.75 25.31 19.62
C THR A 165 18.46 26.77 19.90
N LEU A 166 19.35 27.37 20.64
CA LEU A 166 19.00 28.59 21.35
C LEU A 166 18.54 29.68 20.39
N TRP A 167 19.30 29.92 19.33
CA TRP A 167 19.13 31.16 18.58
C TRP A 167 17.76 31.29 17.89
N TYR A 168 17.14 30.19 17.52
CA TYR A 168 15.87 30.20 16.80
C TYR A 168 14.68 29.82 17.68
N ARG A 169 14.81 30.05 18.98
CA ARG A 169 13.86 29.54 19.97
C ARG A 169 12.92 30.66 20.32
N ALA A 170 11.64 30.33 20.38
CA ALA A 170 10.58 31.32 20.61
C ALA A 170 10.50 31.70 22.08
N PRO A 171 9.96 32.88 22.36
CA PRO A 171 10.00 33.39 23.71
C PRO A 171 9.09 32.56 24.60
N GLU A 172 8.10 31.89 24.01
CA GLU A 172 7.18 31.12 24.82
C GLU A 172 7.86 29.84 25.28
N ILE A 173 8.80 29.35 24.51
CA ILE A 173 9.53 28.19 24.99
C ILE A 173 10.43 28.60 26.15
N LEU A 174 11.09 29.75 25.98
CA LEU A 174 12.09 30.27 26.88
C LEU A 174 11.47 30.53 28.25
N LEU A 175 10.18 30.87 28.20
CA LEU A 175 9.41 31.24 29.37
C LEU A 175 8.61 30.06 29.98
N GLY A 176 8.88 28.85 29.54
CA GLY A 176 8.34 27.64 30.14
C GLY A 176 6.94 27.20 29.77
N CYS A 177 6.49 27.51 28.56
CA CYS A 177 5.13 27.14 28.12
C CYS A 177 4.98 25.62 28.12
N LYS A 178 3.77 25.15 28.36
CA LYS A 178 3.55 23.75 28.61
C LYS A 178 3.51 23.02 27.26
N TYR A 179 3.13 23.75 26.21
CA TYR A 179 2.88 23.15 24.90
C TYR A 179 3.50 23.99 23.77
N TYR A 180 3.97 23.30 22.74
CA TYR A 180 4.37 23.96 21.50
C TYR A 180 3.07 24.22 20.76
N SER A 181 3.14 25.14 19.81
CA SER A 181 2.10 25.31 18.82
C SER A 181 2.75 25.53 17.44
N THR A 182 1.99 25.63 16.37
CA THR A 182 2.59 26.01 15.09
C THR A 182 3.45 27.26 15.19
N ALA A 183 3.18 28.09 16.21
CA ALA A 183 3.81 29.39 16.29
C ALA A 183 5.32 29.25 16.34
N VAL A 184 5.79 28.23 17.03
CA VAL A 184 7.22 28.13 17.30
C VAL A 184 7.98 27.96 15.99
N ASP A 185 7.33 27.36 14.99
CA ASP A 185 7.95 27.18 13.68
C ASP A 185 8.01 28.56 13.02
N ILE A 186 6.93 29.31 13.11
CA ILE A 186 6.96 30.67 12.59
C ILE A 186 8.08 31.55 13.17
N TRP A 187 8.35 31.39 14.46
CA TRP A 187 9.30 32.26 15.10
C TRP A 187 10.69 32.00 14.56
N SER A 188 11.10 30.74 14.61
CA SER A 188 12.32 30.28 13.92
C SER A 188 12.44 30.76 12.48
N LEU A 189 11.37 30.65 11.69
CA LEU A 189 11.44 30.98 10.30
C LEU A 189 11.61 32.46 10.19
N GLY A 190 10.99 33.22 11.07
CA GLY A 190 11.27 34.64 11.12
C GLY A 190 12.69 34.99 11.45
N CYS A 191 13.27 34.30 12.41
CA CYS A 191 14.68 34.57 12.73
C CYS A 191 15.60 34.28 11.54
N ILE A 192 15.21 33.34 10.70
CA ILE A 192 16.09 32.85 9.65
C ILE A 192 16.00 33.88 8.54
N PHE A 193 14.80 34.41 8.33
CA PHE A 193 14.50 35.46 7.36
C PHE A 193 15.39 36.65 7.72
N ALA A 194 15.31 37.11 8.96
CA ALA A 194 16.11 38.24 9.41
C ALA A 194 17.55 37.98 9.15
N GLU A 195 17.98 36.77 9.51
CA GLU A 195 19.37 36.36 9.43
C GLU A 195 19.90 36.41 7.98
N MET A 196 19.08 36.00 7.02
CA MET A 196 19.51 35.98 5.63
C MET A 196 19.69 37.41 5.15
N VAL A 197 18.88 38.33 5.69
CA VAL A 197 18.83 39.70 5.19
C VAL A 197 20.06 40.43 5.70
N THR A 198 20.33 40.24 6.99
CA THR A 198 21.38 40.96 7.69
C THR A 198 22.72 40.24 7.75
N ARG A 199 22.75 38.98 7.32
CA ARG A 199 24.00 38.22 7.33
C ARG A 199 24.43 37.82 8.74
N ARG A 200 23.60 38.04 9.75
CA ARG A 200 23.88 37.53 11.08
C ARG A 200 22.64 37.17 11.90
N ALA A 201 22.84 36.36 12.94
CA ALA A 201 21.69 35.89 13.70
C ALA A 201 20.95 37.03 14.37
N LEU A 202 19.62 36.98 14.33
CA LEU A 202 18.83 38.02 14.96
C LEU A 202 19.07 38.08 16.47
N PHE A 203 19.04 36.92 17.11
CA PHE A 203 19.12 36.80 18.56
C PHE A 203 20.11 35.69 18.96
N PRO A 204 21.40 36.00 18.87
CA PRO A 204 22.49 35.04 19.19
C PRO A 204 22.88 35.08 20.67
N GLY A 205 22.05 34.51 21.52
CA GLY A 205 22.28 34.60 22.95
C GLY A 205 23.09 33.43 23.43
N ASP A 206 23.68 33.58 24.61
CA ASP A 206 24.68 32.64 25.07
C ASP A 206 24.18 31.74 26.18
N SER A 207 23.03 32.05 26.78
CA SER A 207 22.29 31.14 27.65
C SER A 207 20.80 31.33 27.45
N GLU A 208 19.97 30.57 28.15
CA GLU A 208 18.55 30.71 27.99
C GLU A 208 18.16 32.15 28.31
N ILE A 209 18.72 32.71 29.37
CA ILE A 209 18.24 33.99 29.86
C ILE A 209 18.80 35.13 29.01
N ASP A 210 20.00 34.93 28.49
CA ASP A 210 20.51 35.89 27.53
C ASP A 210 19.78 35.94 26.17
N GLN A 211 19.26 34.79 25.77
CA GLN A 211 18.41 34.70 24.62
C GLN A 211 17.17 35.57 24.87
N LEU A 212 16.49 35.39 26.00
CA LEU A 212 15.28 36.16 26.30
C LEU A 212 15.66 37.61 26.23
N PHE A 213 16.79 37.99 26.81
CA PHE A 213 17.03 39.40 27.02
C PHE A 213 17.39 40.03 25.69
N ARG A 214 17.99 39.26 24.80
CA ARG A 214 18.28 39.77 23.47
C ARG A 214 17.01 40.02 22.64
N ILE A 215 16.10 39.07 22.73
CA ILE A 215 14.75 39.33 22.23
C ILE A 215 14.06 40.55 22.84
N PHE A 216 14.05 40.68 24.16
CA PHE A 216 13.42 41.81 24.88
C PHE A 216 14.10 43.12 24.56
N ARG A 217 15.41 43.09 24.31
CA ARG A 217 16.18 44.28 23.96
C ARG A 217 15.78 44.84 22.63
N THR A 218 15.43 43.94 21.71
CA THR A 218 15.04 44.30 20.35
C THR A 218 13.55 44.58 20.21
N LEU A 219 12.74 43.66 20.69
CA LEU A 219 11.31 43.74 20.42
C LEU A 219 10.57 44.46 21.55
N GLY A 220 11.33 44.69 22.63
CA GLY A 220 10.80 45.30 23.81
C GLY A 220 10.35 44.20 24.74
N THR A 221 10.47 44.44 26.04
CA THR A 221 9.92 43.51 27.00
C THR A 221 8.40 43.39 26.85
N PRO A 222 7.90 42.17 26.81
CA PRO A 222 6.46 41.96 26.70
C PRO A 222 5.74 42.15 28.02
N ASP A 223 4.55 42.76 27.92
CA ASP A 223 3.67 42.89 29.06
C ASP A 223 2.33 42.23 28.68
N GLU A 224 1.37 42.21 29.57
CA GLU A 224 0.08 41.62 29.24
C GLU A 224 -0.62 42.18 28.01
N VAL A 225 -0.29 43.41 27.60
CA VAL A 225 -1.06 44.04 26.56
C VAL A 225 -0.66 43.38 25.25
N VAL A 226 0.64 43.37 25.00
CA VAL A 226 1.21 42.65 23.85
C VAL A 226 0.87 41.14 23.92
N TRP A 227 0.99 40.57 25.12
CA TRP A 227 1.00 39.12 25.30
C TRP A 227 0.24 38.72 26.54
N PRO A 228 -1.07 38.68 26.43
CA PRO A 228 -1.89 38.17 27.54
C PRO A 228 -1.27 36.91 28.13
N GLY A 229 -1.09 36.87 29.44
CA GLY A 229 -0.68 35.65 30.09
C GLY A 229 0.80 35.57 30.38
N VAL A 230 1.59 36.55 29.94
CA VAL A 230 3.03 36.40 30.01
C VAL A 230 3.50 36.39 31.43
N THR A 231 2.96 37.33 32.21
CA THR A 231 3.29 37.36 33.63
C THR A 231 2.95 36.06 34.36
N SER A 232 2.11 35.22 33.76
CA SER A 232 1.66 33.97 34.35
C SER A 232 2.55 32.77 33.93
N MET A 233 3.44 32.96 32.97
CA MET A 233 4.30 31.87 32.53
C MET A 233 5.27 31.48 33.63
N PRO A 234 5.71 30.22 33.61
CA PRO A 234 6.40 29.62 34.74
C PRO A 234 7.75 30.30 34.97
N ASP A 235 8.38 30.74 33.88
CA ASP A 235 9.76 31.18 33.98
C ASP A 235 9.83 32.70 33.91
N TYR A 236 8.66 33.33 33.78
CA TYR A 236 8.53 34.79 33.89
C TYR A 236 8.81 35.37 35.27
N LYS A 237 9.48 36.52 35.27
CA LYS A 237 9.98 37.14 36.49
C LYS A 237 9.63 38.62 36.47
N PRO A 238 8.98 39.08 37.53
CA PRO A 238 8.76 40.53 37.69
C PRO A 238 10.09 41.28 37.62
N SER A 239 11.21 40.63 37.90
CA SER A 239 12.50 41.31 37.94
C SER A 239 13.15 41.56 36.57
N PHE A 240 12.58 40.99 35.51
CA PHE A 240 13.03 41.26 34.13
C PHE A 240 13.07 42.76 33.83
N PRO A 241 14.19 43.25 33.31
CA PRO A 241 14.31 44.62 32.80
C PRO A 241 13.25 44.94 31.79
N LYS A 242 12.75 46.18 31.77
CA LYS A 242 11.81 46.63 30.75
C LYS A 242 12.58 47.48 29.75
N TRP A 243 12.78 46.90 28.57
CA TRP A 243 13.27 47.66 27.44
C TRP A 243 12.13 48.10 26.53
N ALA A 244 12.47 49.05 25.67
CA ALA A 244 11.51 49.59 24.75
C ALA A 244 11.91 49.00 23.41
N ARG A 245 10.91 48.62 22.62
CA ARG A 245 11.11 48.44 21.20
C ARG A 245 12.20 49.38 20.69
N GLN A 246 13.19 48.80 20.02
CA GLN A 246 13.99 49.56 19.07
C GLN A 246 13.45 49.57 17.64
N ASP A 247 14.00 50.49 16.85
CA ASP A 247 13.53 50.73 15.49
C ASP A 247 13.70 49.45 14.70
N PHE A 248 12.56 48.82 14.40
CA PHE A 248 12.60 47.66 13.53
C PHE A 248 13.35 47.89 12.22
N SER A 249 13.15 49.06 11.63
CA SER A 249 13.91 49.53 10.47
C SER A 249 15.45 49.52 10.65
N LYS A 250 15.92 49.55 11.89
CA LYS A 250 17.36 49.50 12.13
C LYS A 250 17.83 48.11 12.52
N VAL A 251 16.86 47.24 12.80
CA VAL A 251 17.11 45.81 13.04
C VAL A 251 17.29 45.03 11.73
N VAL A 252 16.56 45.41 10.69
CA VAL A 252 16.70 44.87 9.33
C VAL A 252 16.67 45.99 8.27
N PRO A 253 17.79 46.69 8.15
CA PRO A 253 17.93 47.84 7.26
C PRO A 253 17.49 47.59 5.82
N PRO A 254 18.00 46.54 5.15
CA PRO A 254 17.73 46.33 3.71
C PRO A 254 16.25 46.07 3.39
N LEU A 255 15.47 45.72 4.40
CA LEU A 255 14.09 45.31 4.15
C LEU A 255 13.24 46.56 3.95
N ASP A 256 12.24 46.47 3.07
CA ASP A 256 11.29 47.56 2.84
C ASP A 256 10.02 47.37 3.69
N GLU A 257 8.99 48.19 3.47
CA GLU A 257 7.91 48.28 4.44
C GLU A 257 7.14 46.96 4.47
N ASP A 258 7.02 46.30 3.31
CA ASP A 258 6.31 45.01 3.24
C ASP A 258 7.09 43.90 3.97
N GLY A 259 8.40 43.85 3.73
CA GLY A 259 9.29 42.93 4.41
C GLY A 259 9.32 43.08 5.91
N ARG A 260 9.14 44.32 6.38
CA ARG A 260 9.25 44.58 7.81
C ARG A 260 7.93 44.19 8.48
N SER A 261 6.84 44.37 7.76
CA SER A 261 5.53 44.08 8.29
C SER A 261 5.50 42.58 8.53
N LEU A 262 6.01 41.83 7.56
CA LEU A 262 5.89 40.40 7.58
C LEU A 262 6.79 39.93 8.70
N LEU A 263 8.02 40.45 8.78
CA LEU A 263 8.92 39.96 9.80
C LEU A 263 8.37 40.26 11.20
N SER A 264 7.59 41.31 11.33
CA SER A 264 7.23 41.75 12.66
C SER A 264 6.04 40.93 13.10
N GLN A 265 5.33 40.37 12.14
CA GLN A 265 4.20 39.50 12.42
C GLN A 265 4.62 38.06 12.72
N MET A 266 5.74 37.64 12.14
CA MET A 266 6.32 36.33 12.42
C MET A 266 7.02 36.39 13.75
N LEU A 267 7.36 37.58 14.22
CA LEU A 267 8.09 37.77 15.47
C LEU A 267 7.18 38.36 16.56
N HIS A 268 5.88 38.13 16.42
CA HIS A 268 4.94 38.61 17.41
C HIS A 268 5.21 37.81 18.65
N TYR A 269 5.05 38.44 19.81
CA TYR A 269 5.28 37.72 21.07
C TYR A 269 4.23 36.65 21.37
N ASP A 270 2.95 36.93 21.14
CA ASP A 270 1.83 36.05 21.49
C ASP A 270 1.66 35.02 20.39
N PRO A 271 1.82 33.76 20.76
CA PRO A 271 1.65 32.65 19.82
C PRO A 271 0.33 32.75 19.08
N ASN A 272 -0.71 33.09 19.83
CA ASN A 272 -2.05 33.22 19.28
C ASN A 272 -2.22 34.27 18.20
N LYS A 273 -1.33 35.27 18.19
CA LYS A 273 -1.48 36.43 17.30
C LYS A 273 -0.41 36.38 16.25
N ARG A 274 0.53 35.47 16.42
CA ARG A 274 1.62 35.34 15.48
C ARG A 274 1.07 34.74 14.20
N ILE A 275 1.55 35.20 13.06
CA ILE A 275 0.93 34.87 11.80
C ILE A 275 1.23 33.42 11.50
N SER A 276 0.26 32.70 10.96
CA SER A 276 0.53 31.36 10.48
C SER A 276 1.27 31.40 9.16
N ALA A 277 1.79 30.24 8.76
CA ALA A 277 2.44 30.10 7.48
C ALA A 277 1.50 30.35 6.33
N LYS A 278 0.25 29.90 6.46
CA LYS A 278 -0.79 30.08 5.44
C LYS A 278 -0.97 31.58 5.18
N ALA A 279 -1.22 32.35 6.23
CA ALA A 279 -1.55 33.77 6.04
C ALA A 279 -0.38 34.60 5.55
N ALA A 280 0.82 34.13 5.85
CA ALA A 280 2.06 34.80 5.48
C ALA A 280 2.32 34.69 3.99
N LEU A 281 1.76 33.65 3.39
CA LEU A 281 1.79 33.49 1.94
C LEU A 281 0.93 34.54 1.21
N ALA A 282 -0.07 35.08 1.90
CA ALA A 282 -0.96 36.06 1.24
C ALA A 282 -0.37 37.46 1.32
N HIS A 283 0.65 37.60 2.16
CA HIS A 283 1.22 38.90 2.45
C HIS A 283 1.83 39.56 1.23
N PRO A 284 1.57 40.84 1.05
CA PRO A 284 2.06 41.56 -0.12
C PRO A 284 3.58 41.53 -0.33
N PHE A 285 4.38 41.06 0.63
CA PHE A 285 5.83 40.94 0.43
C PHE A 285 6.11 39.94 -0.69
N PHE A 286 5.15 39.06 -0.97
CA PHE A 286 5.37 38.00 -1.95
C PHE A 286 4.74 38.32 -3.32
N GLN A 287 4.34 39.58 -3.52
CA GLN A 287 3.53 39.93 -4.69
C GLN A 287 4.42 39.90 -5.92
N ASP A 288 5.68 40.33 -5.79
CA ASP A 288 6.66 40.22 -6.86
C ASP A 288 7.64 39.05 -6.71
N VAL A 289 7.19 37.91 -6.19
CA VAL A 289 8.12 36.83 -5.91
C VAL A 289 8.50 36.13 -7.21
N THR A 290 9.79 35.89 -7.40
CA THR A 290 10.22 35.02 -8.49
C THR A 290 10.99 33.79 -8.00
N LYS A 291 11.64 33.06 -8.90
CA LYS A 291 12.46 31.95 -8.48
C LYS A 291 13.85 32.06 -9.10
N PRO A 292 14.71 32.93 -8.57
CA PRO A 292 16.05 33.03 -9.11
C PRO A 292 16.84 31.85 -8.63
N VAL A 293 17.90 31.52 -9.37
CA VAL A 293 18.93 30.63 -8.91
C VAL A 293 20.03 31.31 -8.08
N PRO A 294 20.53 30.58 -7.09
CA PRO A 294 21.70 30.99 -6.31
C PRO A 294 23.00 30.83 -7.09
N HIS A 295 23.98 31.68 -6.81
CA HIS A 295 25.36 31.28 -7.10
C HIS A 295 25.93 30.57 -5.89
N LEU A 296 25.92 29.23 -5.92
CA LEU A 296 26.62 28.44 -4.92
C LEU A 296 28.14 28.44 -5.14
N VAL B 3 -2.44 28.07 16.49
CA VAL B 3 -3.63 28.82 16.02
C VAL B 3 -4.68 27.91 15.32
N PRO B 4 -5.93 27.93 15.78
CA PRO B 4 -7.06 27.36 15.02
C PRO B 4 -7.24 27.82 13.53
N ASP B 5 -6.17 28.28 12.87
CA ASP B 5 -6.15 28.48 11.41
C ASP B 5 -6.04 27.12 10.69
N TYR B 6 -5.51 26.16 11.43
CA TYR B 6 -5.33 24.79 10.96
C TYR B 6 -6.35 23.84 11.60
N HIS B 7 -7.02 24.26 12.68
CA HIS B 7 -8.02 23.41 13.31
C HIS B 7 -8.80 22.64 12.25
N GLU B 8 -9.42 23.32 11.29
CA GLU B 8 -10.29 22.63 10.33
C GLU B 8 -9.50 21.74 9.39
N ASP B 9 -8.37 22.23 8.88
CA ASP B 9 -7.51 21.38 8.05
C ASP B 9 -7.07 20.12 8.81
N ILE B 10 -6.74 20.27 10.09
CA ILE B 10 -6.23 19.15 10.86
C ILE B 10 -7.31 18.12 11.10
N HIS B 11 -8.49 18.55 11.53
CA HIS B 11 -9.64 17.66 11.54
C HIS B 11 -9.84 16.94 10.21
N THR B 12 -9.78 17.68 9.10
CA THR B 12 -10.18 17.05 7.82
C THR B 12 -9.12 16.03 7.48
N TYR B 13 -7.89 16.39 7.81
CA TYR B 13 -6.75 15.53 7.48
C TYR B 13 -6.81 14.28 8.35
N LEU B 14 -7.20 14.48 9.62
CA LEU B 14 -7.22 13.38 10.56
C LEU B 14 -8.33 12.46 10.12
N ARG B 15 -9.44 13.02 9.63
CA ARG B 15 -10.51 12.20 9.09
C ARG B 15 -10.07 11.40 7.91
N GLU B 16 -9.18 11.92 7.09
CA GLU B 16 -8.71 11.21 5.89
C GLU B 16 -7.79 10.04 6.33
N MET B 17 -7.00 10.29 7.38
CA MET B 17 -5.91 9.42 7.77
C MET B 17 -6.44 8.26 8.60
N GLU B 18 -7.56 8.49 9.27
CA GLU B 18 -8.17 7.46 10.09
C GLU B 18 -8.83 6.36 9.27
N VAL B 19 -9.25 6.67 8.05
CA VAL B 19 -9.62 5.63 7.11
C VAL B 19 -8.49 4.76 6.59
N LYS B 20 -7.29 5.29 6.49
CA LYS B 20 -6.16 4.46 6.05
C LYS B 20 -5.57 3.60 7.17
N CYS B 21 -5.68 4.04 8.42
CA CYS B 21 -5.13 3.29 9.56
C CYS B 21 -6.16 2.39 10.26
N LYS B 22 -7.09 1.84 9.49
CA LYS B 22 -8.18 1.06 10.04
C LYS B 22 -7.81 -0.44 10.00
N PRO B 23 -7.82 -1.08 11.16
CA PRO B 23 -7.58 -2.52 11.20
C PRO B 23 -8.70 -3.20 10.44
N LYS B 24 -8.53 -4.49 10.15
CA LYS B 24 -9.63 -5.31 9.68
C LYS B 24 -10.57 -5.59 10.86
N VAL B 25 -11.85 -5.74 10.61
CA VAL B 25 -12.76 -5.80 11.75
C VAL B 25 -12.79 -7.25 12.23
N GLY B 26 -12.82 -8.17 11.28
CA GLY B 26 -13.02 -9.57 11.65
C GLY B 26 -11.68 -10.26 11.78
N TYR B 27 -10.66 -9.56 12.27
CA TYR B 27 -9.28 -10.06 12.24
C TYR B 27 -9.09 -11.07 13.37
N MET B 28 -9.80 -10.85 14.46
CA MET B 28 -9.73 -11.70 15.63
C MET B 28 -10.28 -13.10 15.31
N LYS B 29 -11.37 -13.12 14.54
CA LYS B 29 -12.03 -14.37 14.14
C LYS B 29 -11.11 -15.21 13.25
N LYS B 30 -10.21 -14.57 12.50
CA LYS B 30 -9.24 -15.21 11.60
C LYS B 30 -7.94 -15.58 12.33
N GLN B 31 -7.82 -15.13 13.58
CA GLN B 31 -6.72 -15.54 14.46
C GLN B 31 -6.96 -16.87 15.18
N PRO B 32 -6.18 -17.86 14.81
CA PRO B 32 -6.42 -19.22 15.32
C PRO B 32 -6.05 -19.38 16.78
N ASP B 33 -5.09 -18.64 17.29
CA ASP B 33 -4.75 -18.87 18.68
C ASP B 33 -5.20 -17.79 19.65
N ILE B 34 -5.27 -16.55 19.19
CA ILE B 34 -5.60 -15.51 20.12
C ILE B 34 -7.04 -15.10 19.94
N THR B 35 -7.52 -14.34 20.91
CA THR B 35 -8.95 -14.23 21.13
C THR B 35 -9.21 -12.84 21.73
N ASN B 36 -10.38 -12.29 21.46
CA ASN B 36 -10.71 -10.98 21.98
C ASN B 36 -10.55 -10.85 23.48
N SER B 37 -10.82 -11.92 24.22
CA SER B 37 -10.69 -11.81 25.67
C SER B 37 -9.23 -11.65 26.09
N MET B 38 -8.31 -12.33 25.37
CA MET B 38 -6.87 -12.15 25.63
C MET B 38 -6.43 -10.76 25.21
N ARG B 39 -7.04 -10.24 24.16
CA ARG B 39 -6.72 -8.89 23.75
C ARG B 39 -7.17 -7.82 24.73
N ALA B 40 -8.27 -8.06 25.43
CA ALA B 40 -8.64 -7.18 26.53
C ALA B 40 -7.60 -7.27 27.64
N ILE B 41 -7.13 -8.47 27.96
CA ILE B 41 -6.11 -8.60 29.01
C ILE B 41 -4.88 -7.80 28.66
N LEU B 42 -4.51 -7.78 27.38
CA LEU B 42 -3.25 -7.13 26.99
C LEU B 42 -3.41 -5.63 27.13
N VAL B 43 -4.56 -5.13 26.70
CA VAL B 43 -4.77 -3.69 26.60
C VAL B 43 -4.88 -3.13 28.01
N ASP B 44 -5.59 -3.92 28.82
CA ASP B 44 -5.74 -3.58 30.21
C ASP B 44 -4.38 -3.54 30.88
N TRP B 45 -3.53 -4.50 30.56
CA TRP B 45 -2.16 -4.50 31.06
C TRP B 45 -1.42 -3.26 30.65
N LEU B 46 -1.59 -2.85 29.40
CA LEU B 46 -0.87 -1.68 28.92
C LEU B 46 -1.31 -0.38 29.59
N VAL B 47 -2.54 -0.33 30.06
CA VAL B 47 -3.00 0.82 30.83
C VAL B 47 -2.25 0.86 32.13
N GLU B 48 -2.05 -0.30 32.75
CA GLU B 48 -1.28 -0.35 33.99
C GLU B 48 0.17 0.02 33.72
N VAL B 49 0.72 -0.36 32.59
CA VAL B 49 2.07 0.04 32.25
C VAL B 49 2.24 1.54 32.09
N GLY B 50 1.24 2.17 31.48
CA GLY B 50 1.17 3.62 31.38
C GLY B 50 1.11 4.35 32.70
N GLU B 51 0.47 3.76 33.71
CA GLU B 51 0.39 4.38 35.01
C GLU B 51 1.72 4.28 35.73
N GLU B 52 2.38 3.13 35.55
CA GLU B 52 3.59 2.80 36.29
C GLU B 52 4.70 3.73 35.82
N TYR B 53 4.73 3.96 34.52
CA TYR B 53 5.78 4.76 33.89
C TYR B 53 5.29 6.15 33.55
N LYS B 54 4.08 6.47 34.02
CA LYS B 54 3.49 7.79 33.83
C LYS B 54 3.63 8.22 32.37
N LEU B 55 3.11 7.39 31.48
CA LEU B 55 2.97 7.69 30.07
C LEU B 55 1.70 8.45 29.68
N GLN B 56 1.77 9.16 28.56
CA GLN B 56 0.63 9.89 28.10
C GLN B 56 -0.46 8.93 27.67
N ASN B 57 -1.70 9.42 27.73
CA ASN B 57 -2.87 8.65 27.32
C ASN B 57 -2.77 8.36 25.83
N GLU B 58 -2.28 9.31 25.05
CA GLU B 58 -2.07 9.15 23.62
C GLU B 58 -1.13 7.99 23.30
N THR B 59 -0.08 7.81 24.11
CA THR B 59 0.84 6.72 23.88
C THR B 59 0.05 5.43 23.92
N LEU B 60 -0.85 5.31 24.90
CA LEU B 60 -1.60 4.08 25.09
C LEU B 60 -2.53 3.92 23.88
N HIS B 61 -3.11 5.01 23.40
CA HIS B 61 -4.05 4.90 22.29
C HIS B 61 -3.31 4.47 21.00
N LEU B 62 -2.13 5.05 20.79
CA LEU B 62 -1.27 4.69 19.69
C LEU B 62 -0.80 3.25 19.79
N ALA B 63 -0.36 2.81 20.97
CA ALA B 63 0.00 1.42 21.16
C ALA B 63 -1.09 0.46 20.72
N VAL B 64 -2.34 0.72 21.04
CA VAL B 64 -3.42 -0.22 20.73
C VAL B 64 -3.75 -0.21 19.22
N ASN B 65 -3.63 0.95 18.59
CA ASN B 65 -3.73 0.98 17.15
C ASN B 65 -2.68 0.09 16.45
N TYR B 66 -1.41 0.21 16.85
CA TYR B 66 -0.37 -0.64 16.33
C TYR B 66 -0.66 -2.11 16.48
N ILE B 67 -1.18 -2.49 17.65
CA ILE B 67 -1.50 -3.88 17.90
C ILE B 67 -2.58 -4.42 16.93
N ASP B 68 -3.67 -3.68 16.74
CA ASP B 68 -4.79 -4.14 15.93
C ASP B 68 -4.39 -4.25 14.47
N ARG B 69 -3.53 -3.35 14.03
CA ARG B 69 -3.06 -3.44 12.67
C ARG B 69 -2.07 -4.56 12.45
N PHE B 70 -1.21 -4.79 13.45
CA PHE B 70 -0.22 -5.85 13.44
C PHE B 70 -0.95 -7.18 13.30
N LEU B 71 -1.95 -7.35 14.14
CA LEU B 71 -2.62 -8.63 14.30
C LEU B 71 -3.58 -8.84 13.14
N SER B 72 -3.77 -7.80 12.34
CA SER B 72 -4.50 -7.91 11.08
C SER B 72 -3.77 -8.57 9.94
N SER B 73 -2.45 -8.38 9.87
CA SER B 73 -1.65 -9.05 8.84
C SER B 73 -1.02 -10.36 9.37
N MET B 74 -0.58 -10.30 10.62
CA MET B 74 0.26 -11.31 11.29
C MET B 74 -0.47 -12.19 12.33
N SER B 75 -0.44 -13.51 12.16
CA SER B 75 -0.99 -14.43 13.17
C SER B 75 0.01 -14.47 14.30
N VAL B 76 -0.50 -14.54 15.53
CA VAL B 76 0.30 -14.35 16.74
C VAL B 76 -0.28 -15.34 17.70
N LEU B 77 0.62 -15.95 18.47
CA LEU B 77 0.30 -17.06 19.41
C LEU B 77 0.21 -16.44 20.79
N ARG B 78 -0.60 -17.00 21.69
CA ARG B 78 -0.78 -16.35 22.98
C ARG B 78 0.56 -16.09 23.65
N GLY B 79 1.51 -17.03 23.43
CA GLY B 79 2.79 -16.95 24.12
C GLY B 79 3.47 -15.68 23.69
N LYS B 80 2.99 -15.09 22.60
CA LYS B 80 3.81 -14.05 22.00
C LYS B 80 3.02 -12.76 21.90
N LEU B 81 1.75 -12.81 22.27
CA LEU B 81 0.89 -11.62 22.24
C LEU B 81 1.36 -10.54 23.16
N GLN B 82 1.87 -10.91 24.32
CA GLN B 82 2.44 -9.86 25.16
C GLN B 82 3.66 -9.20 24.53
N LEU B 83 4.28 -9.90 23.61
CA LEU B 83 5.56 -9.42 23.08
C LEU B 83 5.20 -8.36 22.04
N VAL B 84 4.07 -8.59 21.37
CA VAL B 84 3.57 -7.64 20.39
C VAL B 84 3.16 -6.36 21.10
N GLY B 85 2.50 -6.49 22.25
CA GLY B 85 2.04 -5.34 23.01
C GLY B 85 3.19 -4.56 23.59
N THR B 86 4.14 -5.26 24.16
CA THR B 86 5.29 -4.56 24.70
C THR B 86 5.96 -3.73 23.65
N ALA B 87 6.19 -4.33 22.48
CA ALA B 87 6.91 -3.63 21.42
C ALA B 87 6.09 -2.48 20.86
N ALA B 88 4.78 -2.66 20.76
CA ALA B 88 3.90 -1.52 20.45
C ALA B 88 3.97 -0.35 21.43
N MET B 89 4.05 -0.62 22.73
CA MET B 89 4.12 0.46 23.70
C MET B 89 5.43 1.17 23.57
N LEU B 90 6.45 0.44 23.13
CA LEU B 90 7.78 1.05 23.09
C LEU B 90 7.80 2.00 21.90
N LEU B 91 7.20 1.54 20.81
CA LEU B 91 7.13 2.32 19.60
C LEU B 91 6.29 3.59 19.81
N ALA B 92 5.13 3.39 20.44
CA ALA B 92 4.25 4.48 20.83
C ALA B 92 5.01 5.49 21.66
N SER B 93 5.84 5.00 22.57
CA SER B 93 6.54 5.87 23.51
C SER B 93 7.60 6.64 22.81
N LYS B 94 8.26 5.97 21.88
CA LYS B 94 9.22 6.60 20.98
C LYS B 94 8.65 7.71 20.09
N PHE B 95 7.44 7.52 19.61
CA PHE B 95 6.75 8.51 18.78
C PHE B 95 6.17 9.67 19.58
N GLU B 96 5.57 9.39 20.74
CA GLU B 96 4.65 10.30 21.41
C GLU B 96 5.27 10.96 22.63
N GLU B 97 6.11 10.22 23.34
CA GLU B 97 6.75 10.90 24.46
C GLU B 97 8.12 11.43 24.36
N ILE B 98 8.43 12.29 25.31
CA ILE B 98 9.60 13.13 25.23
C ILE B 98 10.82 12.26 25.49
N TYR B 99 10.86 11.63 26.66
CA TYR B 99 11.82 10.57 26.97
C TYR B 99 11.04 9.29 27.27
N PRO B 100 11.05 8.36 26.32
CA PRO B 100 10.54 7.00 26.56
C PRO B 100 11.29 6.27 27.68
N PRO B 101 10.58 5.36 28.33
CA PRO B 101 11.23 4.41 29.23
C PRO B 101 12.32 3.66 28.47
N GLU B 102 13.43 3.31 29.12
CA GLU B 102 14.51 2.57 28.46
C GLU B 102 13.92 1.24 28.03
N VAL B 103 14.61 0.56 27.14
CA VAL B 103 14.08 -0.74 26.73
C VAL B 103 14.04 -1.71 27.92
N ALA B 104 15.11 -1.66 28.72
CA ALA B 104 15.23 -2.51 29.89
C ALA B 104 13.91 -2.54 30.68
N GLU B 105 13.31 -1.35 30.84
CA GLU B 105 12.11 -1.16 31.66
C GLU B 105 10.95 -1.93 31.04
N PHE B 106 10.82 -1.82 29.73
CA PHE B 106 9.87 -2.62 29.01
C PHE B 106 10.10 -4.13 29.12
N VAL B 107 11.32 -4.58 29.36
CA VAL B 107 11.59 -6.00 29.56
C VAL B 107 11.14 -6.39 30.96
N TYR B 108 11.48 -5.53 31.93
CA TYR B 108 11.05 -5.64 33.32
C TYR B 108 9.55 -5.84 33.51
N ILE B 109 8.72 -5.09 32.76
CA ILE B 109 7.28 -5.04 33.03
C ILE B 109 6.66 -6.31 32.57
N THR B 110 7.37 -7.09 31.76
CA THR B 110 6.91 -8.47 31.50
C THR B 110 7.43 -9.58 32.43
N ASP B 111 8.12 -9.20 33.50
CA ASP B 111 8.80 -10.18 34.39
C ASP B 111 9.76 -11.08 33.56
N ASP B 112 10.68 -10.42 32.86
CA ASP B 112 11.69 -11.04 31.99
C ASP B 112 11.19 -12.29 31.28
N THR B 113 9.98 -12.25 30.75
CA THR B 113 9.44 -13.37 30.03
C THR B 113 9.97 -13.31 28.59
N TYR B 114 10.29 -12.10 28.15
CA TYR B 114 10.90 -11.90 26.85
C TYR B 114 12.24 -11.23 27.11
N THR B 115 13.21 -11.44 26.21
CA THR B 115 14.50 -10.77 26.32
C THR B 115 14.50 -9.43 25.60
N LYS B 116 15.54 -8.66 25.85
CA LYS B 116 15.64 -7.31 25.34
C LYS B 116 15.77 -7.39 23.83
N LYS B 117 16.50 -8.40 23.35
CA LYS B 117 16.72 -8.58 21.92
C LYS B 117 15.41 -8.89 21.23
N GLN B 118 14.60 -9.72 21.88
CA GLN B 118 13.29 -10.07 21.37
C GLN B 118 12.32 -8.88 21.32
N VAL B 119 12.42 -7.93 22.25
CA VAL B 119 11.54 -6.77 22.28
C VAL B 119 11.97 -5.94 21.09
N LEU B 120 13.28 -5.80 20.92
CA LEU B 120 13.81 -4.88 19.93
C LEU B 120 13.64 -5.38 18.51
N ARG B 121 13.53 -6.69 18.37
CA ARG B 121 13.41 -7.23 17.04
C ARG B 121 11.94 -7.46 16.67
N MET B 122 11.07 -7.42 17.67
CA MET B 122 9.64 -7.29 17.41
C MET B 122 9.21 -5.84 17.09
N GLU B 123 9.83 -4.88 17.75
CA GLU B 123 9.75 -3.51 17.36
C GLU B 123 9.97 -3.40 15.84
N HIS B 124 11.08 -3.94 15.40
CA HIS B 124 11.49 -3.74 14.02
C HIS B 124 10.48 -4.50 13.17
N LEU B 125 9.97 -5.64 13.62
CA LEU B 125 8.87 -6.29 12.89
C LEU B 125 7.54 -5.50 12.85
N VAL B 126 7.24 -4.72 13.89
CA VAL B 126 6.03 -3.92 13.85
C VAL B 126 6.16 -2.75 12.88
N LEU B 127 7.34 -2.17 12.79
CA LEU B 127 7.57 -1.18 11.78
C LEU B 127 7.52 -1.71 10.34
N LYS B 128 7.89 -2.98 10.07
CA LYS B 128 7.81 -3.52 8.73
C LYS B 128 6.35 -3.69 8.35
N VAL B 129 5.55 -4.14 9.28
CA VAL B 129 4.19 -4.57 8.94
C VAL B 129 3.30 -3.36 8.83
N LEU B 130 3.64 -2.38 9.66
CA LEU B 130 3.01 -1.08 9.63
C LEU B 130 3.61 -0.08 8.64
N THR B 131 4.70 -0.43 7.97
CA THR B 131 5.42 0.46 7.08
C THR B 131 5.62 1.86 7.63
N PHE B 132 6.00 1.87 8.89
CA PHE B 132 6.41 3.07 9.59
C PHE B 132 5.25 4.07 9.75
N ASP B 133 4.03 3.59 9.57
CA ASP B 133 2.88 4.47 9.55
C ASP B 133 2.36 4.56 10.98
N LEU B 134 3.08 5.36 11.78
CA LEU B 134 2.83 5.49 13.19
C LEU B 134 1.95 6.67 13.60
N ALA B 135 1.61 7.54 12.66
CA ALA B 135 0.96 8.81 13.02
C ALA B 135 -0.51 8.58 12.88
N ALA B 136 -1.00 7.64 13.65
CA ALA B 136 -2.35 7.13 13.43
C ALA B 136 -3.24 8.01 14.28
N PRO B 137 -4.32 8.48 13.72
CA PRO B 137 -5.30 9.20 14.52
C PRO B 137 -5.88 8.27 15.57
N THR B 138 -6.26 8.82 16.70
CA THR B 138 -6.80 8.05 17.81
C THR B 138 -8.01 8.76 18.41
N VAL B 139 -8.73 8.10 19.32
CA VAL B 139 -9.95 8.64 19.88
C VAL B 139 -9.56 9.85 20.71
N ASN B 140 -8.38 9.77 21.30
CA ASN B 140 -7.83 10.78 22.19
C ASN B 140 -7.61 12.06 21.41
N GLN B 141 -7.18 11.91 20.17
CA GLN B 141 -6.83 13.04 19.31
C GLN B 141 -8.16 13.65 18.88
N PHE B 142 -9.14 12.84 18.54
CA PHE B 142 -10.38 13.44 18.09
C PHE B 142 -11.12 14.13 19.23
N LEU B 143 -11.06 13.56 20.44
CA LEU B 143 -11.63 14.17 21.62
C LEU B 143 -11.00 15.56 21.87
N THR B 144 -9.68 15.64 21.80
CA THR B 144 -8.98 16.89 22.00
C THR B 144 -9.49 17.95 21.05
N GLN B 145 -9.62 17.60 19.77
CA GLN B 145 -10.24 18.49 18.81
C GLN B 145 -11.67 18.85 19.18
N TYR B 146 -12.44 17.90 19.71
CA TYR B 146 -13.80 18.23 20.06
C TYR B 146 -13.88 19.16 21.29
N PHE B 147 -12.92 19.06 22.21
CA PHE B 147 -13.01 19.77 23.48
C PHE B 147 -12.90 21.28 23.28
N LEU B 148 -12.37 21.68 22.13
CA LEU B 148 -12.34 23.09 21.79
C LEU B 148 -13.75 23.66 21.59
N HIS B 149 -14.71 22.83 21.19
CA HIS B 149 -16.09 23.28 20.93
C HIS B 149 -17.04 23.09 22.12
N GLN B 150 -16.50 23.08 23.34
CA GLN B 150 -17.36 22.97 24.50
C GLN B 150 -17.69 24.34 25.09
N GLN B 151 -18.95 24.53 25.47
CA GLN B 151 -19.51 25.83 25.90
C GLN B 151 -20.31 25.61 27.19
N PRO B 152 -19.70 25.66 28.39
CA PRO B 152 -18.32 26.08 28.62
C PRO B 152 -17.34 24.91 28.77
N ALA B 153 -16.03 25.15 28.77
CA ALA B 153 -15.06 24.14 29.16
C ALA B 153 -15.50 23.47 30.48
N ASN B 154 -15.58 22.14 30.46
CA ASN B 154 -16.02 21.37 31.62
C ASN B 154 -15.00 20.26 31.86
N CYS B 155 -14.22 20.32 32.93
CA CYS B 155 -13.15 19.36 33.06
C CYS B 155 -13.66 17.96 33.39
N LYS B 156 -14.80 17.86 34.05
CA LYS B 156 -15.40 16.56 34.36
C LYS B 156 -15.80 15.88 33.06
N VAL B 157 -16.38 16.64 32.14
CA VAL B 157 -16.81 16.05 30.89
C VAL B 157 -15.61 15.55 30.12
N GLU B 158 -14.50 16.26 30.20
CA GLU B 158 -13.33 15.92 29.39
C GLU B 158 -12.73 14.62 29.93
N SER B 159 -12.68 14.51 31.25
CA SER B 159 -11.98 13.41 31.88
C SER B 159 -12.83 12.18 31.64
N LEU B 160 -14.14 12.37 31.71
CA LEU B 160 -15.06 11.24 31.61
C LEU B 160 -15.12 10.80 30.15
N ALA B 161 -15.05 11.74 29.22
CA ALA B 161 -14.94 11.41 27.80
C ALA B 161 -13.64 10.62 27.54
N MET B 162 -12.55 11.00 28.20
CA MET B 162 -11.28 10.27 28.09
C MET B 162 -11.44 8.86 28.66
N PHE B 163 -12.10 8.79 29.79
CA PHE B 163 -12.37 7.51 30.40
C PHE B 163 -13.09 6.59 29.44
N LEU B 164 -14.17 7.07 28.84
CA LEU B 164 -14.99 6.23 28.00
C LEU B 164 -14.22 5.78 26.73
N GLY B 165 -13.56 6.74 26.08
CA GLY B 165 -12.62 6.45 25.03
C GLY B 165 -11.71 5.28 25.36
N GLU B 166 -11.12 5.26 26.56
CA GLU B 166 -10.22 4.17 26.95
C GLU B 166 -10.88 2.82 27.02
N LEU B 167 -12.12 2.78 27.54
CA LEU B 167 -12.82 1.52 27.69
C LEU B 167 -13.01 0.90 26.34
N SER B 168 -13.12 1.74 25.32
CA SER B 168 -13.33 1.27 23.96
C SER B 168 -12.13 0.54 23.35
N LEU B 169 -10.91 0.90 23.77
CA LEU B 169 -9.69 0.12 23.57
C LEU B 169 -9.78 -1.34 24.05
N ILE B 170 -10.42 -1.56 25.19
CA ILE B 170 -10.40 -2.89 25.80
C ILE B 170 -11.09 -3.97 24.99
N ASP B 171 -12.21 -3.57 24.41
CA ASP B 171 -13.11 -4.50 23.71
C ASP B 171 -13.13 -4.36 22.19
N ALA B 172 -12.45 -5.22 21.46
CA ALA B 172 -12.50 -5.14 20.01
C ALA B 172 -13.87 -5.55 19.50
N ASP B 173 -14.63 -6.19 20.38
CA ASP B 173 -15.75 -7.05 20.04
C ASP B 173 -16.86 -6.29 19.34
N PRO B 174 -17.21 -5.13 19.93
CA PRO B 174 -17.95 -4.07 19.23
C PRO B 174 -17.14 -2.94 18.59
N TYR B 175 -15.99 -2.54 19.13
CA TYR B 175 -15.40 -1.21 18.85
C TYR B 175 -14.47 -1.03 17.64
N LEU B 176 -13.87 -2.11 17.17
CA LEU B 176 -13.20 -2.10 15.87
C LEU B 176 -14.10 -1.75 14.68
N LYS B 177 -15.41 -1.93 14.77
CA LYS B 177 -16.22 -1.53 13.59
C LYS B 177 -16.40 -0.01 13.37
N TYR B 178 -16.15 0.77 14.44
CA TYR B 178 -16.32 2.22 14.49
C TYR B 178 -14.98 2.93 14.35
N LEU B 179 -14.97 4.06 13.64
CA LEU B 179 -13.76 4.88 13.49
C LEU B 179 -13.44 5.66 14.77
N PRO B 180 -12.17 6.00 14.95
CA PRO B 180 -11.78 6.76 16.14
C PRO B 180 -12.64 8.04 16.28
N SER B 181 -12.92 8.76 15.20
CA SER B 181 -13.78 9.96 15.26
C SER B 181 -15.19 9.72 15.73
N VAL B 182 -15.75 8.57 15.36
CA VAL B 182 -17.11 8.24 15.82
C VAL B 182 -17.09 7.83 17.28
N ILE B 183 -16.15 6.99 17.70
CA ILE B 183 -16.10 6.63 19.12
C ILE B 183 -15.88 7.89 19.96
N ALA B 184 -15.09 8.80 19.44
CA ALA B 184 -14.84 10.02 20.16
C ALA B 184 -16.14 10.84 20.27
N GLY B 185 -16.95 10.80 19.23
CA GLY B 185 -18.19 11.55 19.21
C GLY B 185 -19.20 10.99 20.18
N ALA B 186 -19.35 9.66 20.18
CA ALA B 186 -20.09 8.93 21.19
C ALA B 186 -19.62 9.24 22.61
N ALA B 187 -18.32 9.37 22.79
CA ALA B 187 -17.84 9.46 24.16
C ALA B 187 -18.09 10.86 24.65
N PHE B 188 -17.96 11.81 23.74
CA PHE B 188 -18.09 13.23 24.08
C PHE B 188 -19.54 13.42 24.53
N HIS B 189 -20.45 12.77 23.81
CA HIS B 189 -21.87 12.96 24.04
C HIS B 189 -22.28 12.27 25.28
N LEU B 190 -21.80 11.05 25.45
CA LEU B 190 -22.11 10.27 26.62
C LEU B 190 -21.59 10.93 27.90
N ALA B 191 -20.43 11.58 27.80
CA ALA B 191 -19.80 12.13 28.97
C ALA B 191 -20.45 13.47 29.24
N LEU B 192 -20.75 14.19 28.16
CA LEU B 192 -21.55 15.40 28.27
C LEU B 192 -22.97 15.16 28.84
N TYR B 193 -23.64 14.15 28.30
CA TYR B 193 -24.94 13.80 28.82
C TYR B 193 -24.89 13.35 30.29
N THR B 194 -23.82 12.68 30.69
CA THR B 194 -23.72 12.09 32.03
C THR B 194 -23.44 13.16 33.10
N VAL B 195 -22.70 14.18 32.72
CA VAL B 195 -22.35 15.23 33.68
C VAL B 195 -23.36 16.37 33.80
N THR B 196 -24.00 16.73 32.69
CA THR B 196 -24.89 17.89 32.62
C THR B 196 -26.27 17.59 32.02
N GLY B 197 -26.40 16.42 31.40
CA GLY B 197 -27.63 16.09 30.70
C GLY B 197 -27.73 16.73 29.33
N GLN B 198 -26.69 17.46 28.92
CA GLN B 198 -26.69 18.04 27.58
C GLN B 198 -26.43 17.04 26.43
N SER B 199 -26.29 17.56 25.22
CA SER B 199 -26.25 16.70 24.03
C SER B 199 -25.17 17.14 23.02
N TRP B 200 -24.78 16.23 22.13
CA TRP B 200 -23.78 16.46 21.09
C TRP B 200 -24.12 17.77 20.36
N PRO B 201 -23.26 18.78 20.53
CA PRO B 201 -23.57 20.16 20.15
C PRO B 201 -23.58 20.41 18.64
N GLU B 202 -24.36 21.40 18.21
CA GLU B 202 -24.58 21.61 16.78
C GLU B 202 -23.27 22.11 16.18
N SER B 203 -22.48 22.80 17.00
CA SER B 203 -21.09 23.06 16.61
C SER B 203 -20.37 21.84 15.99
N LEU B 204 -20.45 20.71 16.68
CA LEU B 204 -19.75 19.51 16.26
C LEU B 204 -20.55 18.70 15.30
N ILE B 205 -21.87 18.90 15.22
CA ILE B 205 -22.57 18.34 14.07
C ILE B 205 -22.13 18.89 12.73
N ARG B 206 -21.79 20.18 12.65
CA ARG B 206 -21.41 20.76 11.36
C ARG B 206 -19.92 20.51 11.10
N LYS B 207 -19.10 20.69 12.14
CA LYS B 207 -17.68 20.31 12.13
C LYS B 207 -17.42 18.90 11.63
N THR B 208 -18.06 17.92 12.25
CA THR B 208 -17.83 16.51 11.93
C THR B 208 -18.78 15.93 10.88
N GLY B 209 -19.96 16.55 10.75
CA GLY B 209 -20.92 16.13 9.75
C GLY B 209 -21.64 14.92 10.28
N TYR B 210 -21.44 14.63 11.56
CA TYR B 210 -22.12 13.53 12.23
C TYR B 210 -23.34 14.07 12.96
N THR B 211 -24.51 13.48 12.73
CA THR B 211 -25.71 13.79 13.49
C THR B 211 -25.74 12.89 14.72
N LEU B 212 -26.44 13.32 15.76
CA LEU B 212 -26.57 12.48 16.93
C LEU B 212 -27.08 11.10 16.50
N GLU B 213 -27.95 11.05 15.50
CA GLU B 213 -28.61 9.80 15.13
C GLU B 213 -27.59 8.91 14.40
N SER B 214 -26.62 9.51 13.72
CA SER B 214 -25.64 8.67 13.04
C SER B 214 -24.66 8.06 14.07
N LEU B 215 -24.64 8.68 15.25
CA LEU B 215 -23.72 8.30 16.31
C LEU B 215 -24.33 7.18 17.14
N LYS B 216 -25.62 6.93 16.95
CA LYS B 216 -26.41 6.26 17.96
C LYS B 216 -25.99 4.79 18.06
N PRO B 217 -25.63 4.10 16.98
CA PRO B 217 -25.21 2.71 17.13
C PRO B 217 -24.01 2.62 18.06
N CYS B 218 -22.95 3.39 17.81
CA CYS B 218 -21.74 3.35 18.61
C CYS B 218 -22.02 3.76 20.03
N LEU B 219 -22.95 4.70 20.17
CA LEU B 219 -23.32 5.29 21.45
C LEU B 219 -24.02 4.27 22.34
N MET B 220 -24.89 3.48 21.73
CA MET B 220 -25.59 2.50 22.50
C MET B 220 -24.55 1.53 23.00
N ASP B 221 -23.60 1.16 22.16
CA ASP B 221 -22.59 0.16 22.52
C ASP B 221 -21.78 0.73 23.67
N LEU B 222 -21.42 2.00 23.55
CA LEU B 222 -20.63 2.66 24.57
C LEU B 222 -21.38 2.83 25.88
N HIS B 223 -22.70 2.83 25.80
CA HIS B 223 -23.54 3.00 26.96
C HIS B 223 -23.57 1.69 27.74
N GLN B 224 -23.66 0.59 27.00
CA GLN B 224 -23.66 -0.74 27.61
C GLN B 224 -22.33 -0.99 28.33
N THR B 225 -21.24 -0.57 27.70
CA THR B 225 -19.93 -0.75 28.25
C THR B 225 -19.79 0.06 29.50
N TYR B 226 -20.34 1.27 29.51
CA TYR B 226 -20.26 2.12 30.70
C TYR B 226 -21.05 1.51 31.87
N LEU B 227 -22.25 1.04 31.57
CA LEU B 227 -23.06 0.42 32.61
C LEU B 227 -22.43 -0.86 33.19
N LYS B 228 -21.82 -1.69 32.32
CA LYS B 228 -21.19 -2.95 32.71
C LYS B 228 -19.76 -2.79 33.25
N ALA B 229 -19.23 -1.57 33.27
CA ALA B 229 -17.82 -1.36 33.52
C ALA B 229 -17.36 -1.87 34.89
N PRO B 230 -18.14 -1.62 35.93
CA PRO B 230 -17.80 -2.22 37.22
C PRO B 230 -17.71 -3.78 37.23
N GLN B 231 -18.46 -4.48 36.38
CA GLN B 231 -18.50 -5.95 36.35
C GLN B 231 -17.49 -6.58 35.37
N HIS B 232 -16.72 -5.70 34.74
CA HIS B 232 -15.84 -6.10 33.66
C HIS B 232 -14.61 -6.71 34.29
N ALA B 233 -14.20 -7.79 33.65
CA ALA B 233 -13.08 -8.58 34.13
C ALA B 233 -11.82 -7.72 34.29
N GLN B 234 -11.58 -6.89 33.27
CA GLN B 234 -10.50 -5.91 33.24
C GLN B 234 -10.93 -4.60 33.89
N GLN B 235 -10.06 -3.99 34.67
CA GLN B 235 -10.45 -2.90 35.57
C GLN B 235 -9.33 -1.87 35.80
N SER B 236 -8.30 -1.96 34.99
CA SER B 236 -7.18 -1.07 35.13
C SER B 236 -7.63 0.35 34.79
N ILE B 237 -8.51 0.47 33.81
CA ILE B 237 -9.01 1.79 33.47
C ILE B 237 -9.87 2.46 34.55
N ARG B 238 -10.84 1.74 35.12
CA ARG B 238 -11.57 2.30 36.26
C ARG B 238 -10.62 2.77 37.39
N GLU B 239 -9.59 2.00 37.71
CA GLU B 239 -8.68 2.36 38.78
C GLU B 239 -7.92 3.64 38.45
N LYS B 240 -7.78 3.88 37.15
CA LYS B 240 -6.92 4.95 36.67
C LYS B 240 -7.66 6.23 36.93
N TYR B 241 -8.93 6.21 36.57
CA TYR B 241 -9.74 7.41 36.54
C TYR B 241 -10.50 7.58 37.88
N LYS B 242 -10.08 6.80 38.86
CA LYS B 242 -10.49 6.95 40.23
C LYS B 242 -9.62 8.04 40.83
N ASN B 243 -8.46 8.29 40.22
CA ASN B 243 -7.52 9.30 40.70
C ASN B 243 -8.17 10.68 40.60
N SER B 244 -7.80 11.58 41.52
CA SER B 244 -8.24 12.97 41.54
C SER B 244 -7.64 13.77 40.40
N LYS B 245 -6.61 13.21 39.75
CA LYS B 245 -6.06 13.75 38.51
C LYS B 245 -7.25 13.93 37.58
N TYR B 246 -8.23 13.05 37.73
CA TYR B 246 -9.35 12.94 36.78
C TYR B 246 -10.73 13.31 37.34
N HIS B 247 -10.79 14.01 38.48
CA HIS B 247 -12.06 14.43 39.05
C HIS B 247 -12.94 13.23 39.45
N GLY B 248 -12.25 12.11 39.76
CA GLY B 248 -12.83 10.79 39.91
C GLY B 248 -14.13 10.65 39.14
N VAL B 249 -14.03 10.72 37.82
CA VAL B 249 -15.21 10.60 37.00
C VAL B 249 -15.69 9.16 36.93
N SER B 250 -14.84 8.20 37.29
CA SER B 250 -15.20 6.79 37.20
C SER B 250 -15.96 6.38 38.47
N LEU B 251 -16.16 7.34 39.38
CA LEU B 251 -17.22 7.27 40.38
C LEU B 251 -18.62 7.61 39.87
N LEU B 252 -18.83 8.85 39.42
CA LEU B 252 -20.06 9.31 38.74
C LEU B 252 -20.98 8.22 38.23
N ASN B 253 -22.27 8.30 38.54
CA ASN B 253 -23.11 7.16 38.23
C ASN B 253 -23.62 7.27 36.80
N PRO B 254 -23.34 6.25 35.99
CA PRO B 254 -23.86 6.22 34.62
C PRO B 254 -25.38 6.31 34.58
N PRO B 255 -25.90 7.03 33.60
CA PRO B 255 -27.35 7.21 33.47
C PRO B 255 -27.95 5.94 32.89
N GLU B 256 -29.03 5.43 33.47
CA GLU B 256 -29.51 4.14 33.01
C GLU B 256 -30.14 4.22 31.63
N THR B 257 -30.39 5.43 31.14
CA THR B 257 -31.01 5.61 29.82
C THR B 257 -30.35 6.73 29.03
N LEU B 258 -30.39 6.61 27.71
CA LEU B 258 -29.73 7.58 26.85
C LEU B 258 -30.62 8.74 26.37
N ASN B 259 -31.93 8.63 26.60
CA ASN B 259 -32.93 9.59 26.10
C ASN B 259 -32.82 9.82 24.61
N LEU B 260 -32.76 8.73 23.86
CA LEU B 260 -32.69 8.85 22.41
C LEU B 260 -34.10 9.02 21.80
N MET C 1 14.70 -13.12 6.91
CA MET C 1 14.85 -14.59 7.22
C MET C 1 15.33 -14.88 8.64
N GLU C 2 15.75 -13.83 9.33
CA GLU C 2 16.43 -13.94 10.60
C GLU C 2 15.35 -14.27 11.62
N ASN C 3 14.14 -13.82 11.36
CA ASN C 3 13.04 -14.08 12.28
C ASN C 3 12.50 -15.49 12.11
N PHE C 4 12.99 -16.18 11.10
CA PHE C 4 12.46 -17.49 10.80
C PHE C 4 13.47 -18.54 11.19
N GLN C 5 12.92 -19.67 11.61
CA GLN C 5 13.69 -20.82 12.08
C GLN C 5 13.14 -22.05 11.36
N LYS C 6 13.98 -22.66 10.52
CA LYS C 6 13.52 -23.78 9.69
C LYS C 6 13.42 -24.99 10.57
N VAL C 7 12.35 -25.77 10.37
CA VAL C 7 12.09 -26.92 11.22
C VAL C 7 12.43 -28.22 10.48
N GLU C 8 11.77 -28.45 9.36
CA GLU C 8 12.06 -29.57 8.46
C GLU C 8 11.69 -29.28 7.00
N LYS C 9 12.36 -29.97 6.07
CA LYS C 9 11.92 -29.99 4.68
C LYS C 9 10.52 -30.62 4.60
N ILE C 10 9.60 -30.01 3.87
CA ILE C 10 8.29 -30.64 3.77
C ILE C 10 7.96 -31.04 2.37
N GLY C 11 8.83 -30.70 1.44
CA GLY C 11 8.76 -31.26 0.11
C GLY C 11 9.59 -30.47 -0.87
N GLU C 12 9.34 -30.73 -2.15
CA GLU C 12 10.05 -30.07 -3.24
C GLU C 12 8.95 -29.52 -4.12
N GLY C 13 9.15 -28.29 -4.59
CA GLY C 13 8.12 -27.57 -5.32
C GLY C 13 8.57 -27.41 -6.77
N THR C 14 8.01 -26.41 -7.45
CA THR C 14 8.30 -26.16 -8.88
C THR C 14 9.68 -25.48 -9.10
N TYR C 15 10.02 -24.52 -8.25
CA TYR C 15 11.35 -23.88 -8.27
C TYR C 15 12.33 -24.80 -7.57
N GLY C 16 12.52 -24.51 -6.28
CA GLY C 16 13.44 -25.29 -5.45
C GLY C 16 12.71 -26.17 -4.44
N VAL C 17 12.99 -25.91 -3.16
CA VAL C 17 12.58 -26.80 -2.08
C VAL C 17 11.69 -26.04 -1.09
N VAL C 18 10.87 -26.79 -0.34
CA VAL C 18 9.93 -26.21 0.60
C VAL C 18 10.21 -26.58 2.06
N TYR C 19 10.21 -25.57 2.93
CA TYR C 19 10.51 -25.74 4.34
C TYR C 19 9.35 -25.38 5.28
N LYS C 20 9.25 -26.03 6.43
CA LYS C 20 8.31 -25.63 7.47
C LYS C 20 9.12 -24.87 8.50
N ALA C 21 8.99 -23.55 8.48
CA ALA C 21 9.62 -22.72 9.47
C ALA C 21 8.62 -22.17 10.47
N ARG C 22 9.14 -21.56 11.51
CA ARG C 22 8.30 -20.93 12.49
C ARG C 22 8.92 -19.59 12.80
N ASN C 23 8.05 -18.61 12.98
CA ASN C 23 8.45 -17.28 13.40
C ASN C 23 8.83 -17.20 14.88
N LYS C 24 10.02 -16.66 15.12
CA LYS C 24 10.63 -16.68 16.44
C LYS C 24 10.03 -15.63 17.34
N LEU C 25 9.56 -14.58 16.69
CA LEU C 25 8.84 -13.49 17.33
C LEU C 25 7.34 -13.72 17.55
N THR C 26 6.65 -14.28 16.56
CA THR C 26 5.21 -14.43 16.67
C THR C 26 4.75 -15.85 16.90
N GLY C 27 5.59 -16.80 16.53
CA GLY C 27 5.23 -18.21 16.61
C GLY C 27 4.38 -18.72 15.46
N GLU C 28 4.18 -17.90 14.43
CA GLU C 28 3.47 -18.35 13.24
C GLU C 28 4.31 -19.46 12.57
N VAL C 29 3.66 -20.56 12.25
CA VAL C 29 4.26 -21.61 11.43
C VAL C 29 4.02 -21.30 9.95
N VAL C 30 5.09 -21.24 9.18
CA VAL C 30 4.98 -20.97 7.78
C VAL C 30 5.71 -22.01 6.91
N ALA C 31 5.40 -21.94 5.63
CA ALA C 31 6.08 -22.74 4.64
C ALA C 31 7.01 -21.82 3.88
N LEU C 32 8.30 -22.10 3.87
CA LEU C 32 9.21 -21.24 3.12
C LEU C 32 9.59 -21.89 1.81
N LYS C 33 9.03 -21.42 0.69
CA LYS C 33 9.55 -21.76 -0.64
C LYS C 33 10.74 -20.90 -0.92
N LYS C 34 11.79 -21.47 -1.49
CA LYS C 34 13.09 -20.82 -1.56
C LYS C 34 13.57 -20.99 -2.98
N ILE C 35 13.66 -19.88 -3.68
CA ILE C 35 14.19 -19.80 -5.04
C ILE C 35 15.62 -19.26 -5.01
N ARG C 36 16.52 -19.91 -5.74
CA ARG C 36 17.90 -19.42 -5.85
C ARG C 36 18.11 -18.54 -7.09
N LEU C 37 18.31 -17.25 -6.85
CA LEU C 37 18.46 -16.25 -7.92
C LEU C 37 19.92 -15.87 -8.12
N ASP C 38 20.85 -16.81 -8.02
CA ASP C 38 22.20 -16.55 -8.51
C ASP C 38 21.92 -15.79 -9.81
N THR C 39 22.58 -14.65 -10.03
CA THR C 39 22.38 -13.85 -11.25
C THR C 39 23.13 -14.44 -12.47
N GLU C 40 23.41 -15.74 -12.40
CA GLU C 40 23.97 -16.54 -13.50
C GLU C 40 22.89 -17.45 -14.13
N THR C 41 21.62 -17.17 -13.86
CA THR C 41 20.49 -17.85 -14.54
C THR C 41 19.63 -16.82 -15.31
N GLU C 42 18.32 -16.80 -15.04
CA GLU C 42 17.33 -16.06 -15.83
C GLU C 42 16.43 -15.20 -14.94
N GLY C 43 16.87 -14.94 -13.73
CA GLY C 43 16.26 -13.93 -12.90
C GLY C 43 15.17 -14.62 -12.12
N VAL C 44 14.16 -13.86 -11.76
CA VAL C 44 13.04 -14.49 -11.07
C VAL C 44 12.25 -15.36 -12.04
N PRO C 45 12.05 -16.64 -11.74
CA PRO C 45 11.36 -17.54 -12.67
C PRO C 45 9.92 -17.11 -12.97
N SER C 46 9.40 -17.43 -14.16
CA SER C 46 8.03 -17.02 -14.49
C SER C 46 7.04 -17.57 -13.48
N THR C 47 7.29 -18.80 -13.01
CA THR C 47 6.44 -19.40 -11.99
C THR C 47 6.29 -18.51 -10.76
N ALA C 48 7.37 -17.94 -10.26
CA ALA C 48 7.28 -17.04 -9.11
C ALA C 48 6.61 -15.70 -9.46
N ILE C 49 7.00 -15.10 -10.56
CA ILE C 49 6.27 -13.96 -11.06
C ILE C 49 4.77 -14.19 -11.05
N ARG C 50 4.34 -15.37 -11.45
CA ARG C 50 2.90 -15.59 -11.50
C ARG C 50 2.30 -15.80 -10.11
N GLU C 51 2.93 -16.66 -9.32
CA GLU C 51 2.31 -17.14 -8.08
C GLU C 51 2.24 -15.92 -7.17
N ILE C 52 3.20 -15.02 -7.26
CA ILE C 52 3.22 -13.92 -6.32
C ILE C 52 2.20 -12.89 -6.75
N SER C 53 2.25 -12.49 -8.02
CA SER C 53 1.36 -11.42 -8.50
C SER C 53 -0.11 -11.79 -8.45
N LEU C 54 -0.47 -12.99 -8.83
CA LEU C 54 -1.85 -13.42 -8.72
C LEU C 54 -2.32 -13.74 -7.28
N LEU C 55 -1.46 -14.39 -6.53
CA LEU C 55 -1.81 -14.82 -5.18
C LEU C 55 -2.01 -13.66 -4.25
N LYS C 56 -1.44 -12.52 -4.60
CA LYS C 56 -1.53 -11.42 -3.69
C LYS C 56 -2.80 -10.62 -3.92
N GLU C 57 -3.38 -10.78 -5.10
CA GLU C 57 -4.76 -10.37 -5.37
C GLU C 57 -5.86 -11.29 -4.85
N LEU C 58 -5.52 -12.54 -4.62
CA LEU C 58 -6.49 -13.55 -4.23
C LEU C 58 -6.54 -13.79 -2.71
N ASN C 59 -7.37 -13.03 -1.99
CA ASN C 59 -7.52 -13.27 -0.58
C ASN C 59 -8.81 -14.03 -0.35
N HIS C 60 -8.71 -15.32 -0.03
CA HIS C 60 -9.87 -16.19 0.16
C HIS C 60 -9.56 -17.29 1.17
N PRO C 61 -10.53 -17.70 1.97
CA PRO C 61 -10.28 -18.79 2.93
C PRO C 61 -9.72 -20.06 2.28
N ASN C 62 -9.98 -20.25 0.97
CA ASN C 62 -9.72 -21.52 0.33
C ASN C 62 -8.59 -21.35 -0.70
N ILE C 63 -7.78 -20.34 -0.46
CA ILE C 63 -6.59 -20.14 -1.26
C ILE C 63 -5.43 -19.81 -0.33
N VAL C 64 -4.27 -20.44 -0.58
CA VAL C 64 -3.18 -20.24 0.37
C VAL C 64 -2.89 -18.76 0.45
N LYS C 65 -2.69 -18.30 1.67
CA LYS C 65 -2.41 -16.92 1.98
C LYS C 65 -0.90 -16.85 1.72
N LEU C 66 -0.45 -16.00 0.80
CA LEU C 66 0.95 -15.60 0.66
C LEU C 66 1.24 -14.45 1.63
N LEU C 67 2.12 -14.69 2.58
CA LEU C 67 2.24 -13.80 3.72
C LEU C 67 3.27 -12.74 3.43
N ASP C 68 4.42 -13.15 2.94
CA ASP C 68 5.49 -12.23 2.62
C ASP C 68 6.32 -12.75 1.47
N VAL C 69 7.05 -11.81 0.88
CA VAL C 69 8.11 -12.14 -0.06
C VAL C 69 9.38 -11.45 0.41
N ILE C 70 10.36 -12.23 0.87
CA ILE C 70 11.60 -11.64 1.32
C ILE C 70 12.61 -11.57 0.14
N HIS C 71 13.00 -10.35 -0.20
CA HIS C 71 13.99 -10.08 -1.24
C HIS C 71 15.39 -10.00 -0.59
N THR C 72 16.32 -10.84 -1.02
CA THR C 72 17.71 -10.43 -0.88
C THR C 72 18.29 -10.08 -2.26
N GLU C 73 19.61 -9.93 -2.32
CA GLU C 73 20.35 -9.73 -3.57
C GLU C 73 20.45 -11.05 -4.38
N ASN C 74 20.57 -12.21 -3.71
CA ASN C 74 20.66 -13.49 -4.41
C ASN C 74 19.79 -14.67 -3.94
N LYS C 75 18.78 -14.42 -3.09
CA LYS C 75 17.74 -15.42 -2.88
C LYS C 75 16.37 -14.73 -2.75
N LEU C 76 15.31 -15.41 -3.21
CA LEU C 76 13.94 -14.95 -3.00
C LEU C 76 13.20 -15.98 -2.18
N TYR C 77 12.66 -15.56 -1.05
CA TYR C 77 11.88 -16.49 -0.23
C TYR C 77 10.41 -16.10 -0.34
N LEU C 78 9.58 -17.07 -0.61
CA LEU C 78 8.15 -16.88 -0.52
C LEU C 78 7.68 -17.55 0.76
N VAL C 79 6.96 -16.79 1.58
CA VAL C 79 6.48 -17.28 2.84
C VAL C 79 4.95 -17.40 2.83
N PHE C 80 4.49 -18.62 3.08
CA PHE C 80 3.09 -18.94 2.89
C PHE C 80 2.56 -19.28 4.27
N GLU C 81 1.23 -19.26 4.49
CA GLU C 81 0.67 -20.00 5.62
C GLU C 81 1.03 -21.47 5.53
N PHE C 82 1.22 -22.09 6.68
CA PHE C 82 1.57 -23.50 6.71
C PHE C 82 0.30 -24.25 6.83
N LEU C 83 0.24 -25.37 6.14
CA LEU C 83 -0.93 -26.20 6.28
C LEU C 83 -0.40 -27.61 6.42
N HIS C 84 -1.10 -28.40 7.22
CA HIS C 84 -0.59 -29.68 7.71
C HIS C 84 0.03 -30.57 6.64
N GLN C 85 -0.72 -30.86 5.59
CA GLN C 85 -0.18 -31.68 4.51
C GLN C 85 -0.96 -31.42 3.22
N ASP C 86 -0.60 -32.11 2.16
CA ASP C 86 -1.37 -32.12 0.95
C ASP C 86 -2.37 -33.25 0.76
N LEU C 87 -3.32 -33.03 -0.13
CA LEU C 87 -4.45 -33.93 -0.23
C LEU C 87 -4.00 -35.30 -0.71
N LYS C 88 -2.92 -35.37 -1.51
CA LYS C 88 -2.27 -36.64 -1.87
C LYS C 88 -1.82 -37.45 -0.64
N LYS C 89 -1.08 -36.79 0.27
CA LYS C 89 -0.58 -37.44 1.47
C LYS C 89 -1.75 -37.86 2.35
N PHE C 90 -2.84 -37.09 2.30
CA PHE C 90 -4.01 -37.42 3.11
C PHE C 90 -4.76 -38.60 2.52
N MET C 91 -4.73 -38.74 1.20
CA MET C 91 -5.49 -39.77 0.51
C MET C 91 -4.83 -41.12 0.68
N ASP C 92 -3.51 -41.16 0.58
CA ASP C 92 -2.76 -42.40 0.85
C ASP C 92 -2.92 -42.93 2.28
N ALA C 93 -2.70 -42.05 3.26
CA ALA C 93 -2.86 -42.39 4.65
C ALA C 93 -4.30 -42.80 4.91
N SER C 94 -5.19 -42.46 3.98
CA SER C 94 -6.61 -42.77 4.08
C SER C 94 -7.10 -43.85 3.12
N ALA C 95 -6.23 -44.44 2.31
CA ALA C 95 -6.56 -45.68 1.61
C ALA C 95 -6.79 -46.79 2.64
N LEU C 96 -7.67 -47.74 2.36
CA LEU C 96 -8.01 -48.79 3.33
C LEU C 96 -9.26 -48.40 4.11
N THR C 97 -9.22 -47.21 4.68
CA THR C 97 -10.32 -46.70 5.46
C THR C 97 -11.32 -45.90 4.60
N GLY C 98 -10.81 -45.31 3.50
CA GLY C 98 -11.56 -44.37 2.68
C GLY C 98 -11.77 -43.05 3.39
N ILE C 99 -11.70 -41.94 2.68
CA ILE C 99 -12.10 -40.66 3.28
C ILE C 99 -13.60 -40.51 3.42
N PRO C 100 -14.07 -40.12 4.60
CA PRO C 100 -15.51 -40.12 4.81
C PRO C 100 -16.16 -39.25 3.74
N LEU C 101 -17.38 -39.62 3.37
CA LEU C 101 -18.08 -38.98 2.26
C LEU C 101 -18.39 -37.51 2.59
N PRO C 102 -18.81 -37.21 3.82
CA PRO C 102 -19.05 -35.81 4.19
C PRO C 102 -17.83 -34.93 4.08
N LEU C 103 -16.65 -35.49 4.31
CA LEU C 103 -15.44 -34.69 4.18
C LEU C 103 -15.00 -34.54 2.71
N ILE C 104 -15.24 -35.51 1.85
CA ILE C 104 -15.16 -35.24 0.45
C ILE C 104 -16.09 -34.07 0.02
N LYS C 105 -17.32 -34.01 0.51
CA LYS C 105 -18.28 -33.01 0.06
C LYS C 105 -17.82 -31.67 0.62
N SER C 106 -17.23 -31.66 1.80
CA SER C 106 -16.70 -30.40 2.36
C SER C 106 -15.52 -29.89 1.54
N TYR C 107 -14.62 -30.82 1.24
CA TYR C 107 -13.44 -30.51 0.50
C TYR C 107 -13.80 -29.92 -0.84
N LEU C 108 -14.73 -30.56 -1.55
CA LEU C 108 -15.01 -30.18 -2.94
C LEU C 108 -15.76 -28.85 -2.96
N PHE C 109 -16.70 -28.68 -2.05
CA PHE C 109 -17.39 -27.41 -1.84
C PHE C 109 -16.40 -26.28 -1.66
N GLN C 110 -15.38 -26.48 -0.86
CA GLN C 110 -14.42 -25.44 -0.53
C GLN C 110 -13.48 -25.13 -1.70
N LEU C 111 -13.08 -26.19 -2.38
CA LEU C 111 -12.24 -26.01 -3.55
C LEU C 111 -13.05 -25.28 -4.60
N LEU C 112 -14.34 -25.59 -4.72
CA LEU C 112 -15.13 -24.89 -5.71
C LEU C 112 -15.24 -23.45 -5.32
N GLN C 113 -15.29 -23.15 -4.03
CA GLN C 113 -15.40 -21.75 -3.62
C GLN C 113 -14.13 -20.99 -4.01
N GLY C 114 -12.98 -21.61 -3.80
CA GLY C 114 -11.72 -21.00 -4.16
C GLY C 114 -11.55 -20.88 -5.65
N LEU C 115 -12.06 -21.84 -6.39
CA LEU C 115 -12.13 -21.75 -7.84
C LEU C 115 -12.99 -20.61 -8.32
N ALA C 116 -14.15 -20.44 -7.69
CA ALA C 116 -15.09 -19.45 -8.15
C ALA C 116 -14.45 -18.10 -7.95
N PHE C 117 -13.76 -17.97 -6.82
CA PHE C 117 -13.04 -16.74 -6.51
C PHE C 117 -11.95 -16.44 -7.55
N CYS C 118 -11.19 -17.45 -7.93
CA CYS C 118 -10.14 -17.31 -8.91
C CYS C 118 -10.72 -16.90 -10.27
N HIS C 119 -11.73 -17.61 -10.73
CA HIS C 119 -12.27 -17.34 -12.05
C HIS C 119 -12.93 -15.98 -12.18
N SER C 120 -13.62 -15.58 -11.14
CA SER C 120 -14.26 -14.28 -11.04
C SER C 120 -13.20 -13.17 -10.85
N HIS C 121 -11.97 -13.54 -10.50
CA HIS C 121 -10.84 -12.62 -10.48
C HIS C 121 -9.87 -12.81 -11.68
N ARG C 122 -10.41 -13.37 -12.75
CA ARG C 122 -9.68 -13.64 -14.01
C ARG C 122 -8.39 -14.44 -13.86
N VAL C 123 -8.42 -15.38 -12.93
CA VAL C 123 -7.28 -16.23 -12.64
C VAL C 123 -7.62 -17.69 -12.84
N LEU C 124 -6.81 -18.32 -13.67
CA LEU C 124 -6.91 -19.70 -14.06
C LEU C 124 -5.75 -20.43 -13.40
N HIS C 125 -6.07 -21.42 -12.58
CA HIS C 125 -5.03 -22.14 -11.86
C HIS C 125 -4.18 -22.96 -12.82
N ARG C 126 -4.82 -23.68 -13.74
CA ARG C 126 -4.18 -24.43 -14.81
C ARG C 126 -3.62 -25.78 -14.49
N ASP C 127 -3.55 -26.17 -13.22
CA ASP C 127 -2.77 -27.36 -12.84
C ASP C 127 -3.18 -27.74 -11.42
N LEU C 128 -4.47 -27.97 -11.25
CA LEU C 128 -5.00 -28.46 -10.00
C LEU C 128 -4.70 -29.94 -9.91
N LYS C 129 -4.08 -30.38 -8.83
CA LYS C 129 -3.96 -31.80 -8.53
C LYS C 129 -3.85 -31.92 -7.05
N PRO C 130 -3.99 -33.14 -6.54
CA PRO C 130 -3.94 -33.40 -5.10
C PRO C 130 -2.67 -32.89 -4.40
N GLN C 131 -1.52 -32.94 -5.07
CA GLN C 131 -0.27 -32.45 -4.48
C GLN C 131 -0.35 -30.94 -4.17
N ASN C 132 -1.09 -30.20 -4.99
CA ASN C 132 -1.19 -28.76 -4.80
C ASN C 132 -2.42 -28.33 -4.00
N LEU C 133 -3.23 -29.27 -3.53
CA LEU C 133 -4.31 -28.89 -2.61
C LEU C 133 -3.90 -29.19 -1.17
N LEU C 134 -3.95 -28.19 -0.31
CA LEU C 134 -3.41 -28.32 1.04
C LEU C 134 -4.52 -28.41 2.08
N ILE C 135 -4.41 -29.37 3.00
CA ILE C 135 -5.38 -29.43 4.08
C ILE C 135 -4.74 -29.06 5.41
N ASN C 136 -5.56 -28.55 6.33
CA ASN C 136 -5.18 -28.42 7.73
C ASN C 136 -5.96 -29.32 8.70
N THR C 137 -5.74 -29.14 10.01
CA THR C 137 -6.29 -30.11 10.96
C THR C 137 -7.73 -29.76 11.32
N GLU C 138 -8.12 -28.53 11.02
CA GLU C 138 -9.40 -27.95 11.41
C GLU C 138 -10.45 -28.09 10.30
N GLY C 139 -10.17 -28.83 9.24
CA GLY C 139 -11.20 -29.10 8.26
C GLY C 139 -11.17 -28.29 6.95
N ALA C 140 -10.25 -27.34 6.85
CA ALA C 140 -10.19 -26.48 5.69
C ALA C 140 -9.35 -27.17 4.65
N ILE C 141 -9.68 -26.91 3.39
CA ILE C 141 -8.76 -27.18 2.30
C ILE C 141 -8.57 -25.90 1.47
N LYS C 142 -7.37 -25.70 0.94
CA LYS C 142 -7.03 -24.57 0.10
C LYS C 142 -6.32 -24.89 -1.24
N LEU C 143 -6.53 -24.07 -2.27
CA LEU C 143 -5.83 -24.25 -3.55
C LEU C 143 -4.45 -23.69 -3.35
N ALA C 144 -3.40 -24.38 -3.76
CA ALA C 144 -2.08 -23.75 -3.76
C ALA C 144 -1.28 -24.03 -5.02
N ASP C 145 0.00 -23.69 -5.00
CA ASP C 145 0.86 -23.77 -6.18
C ASP C 145 0.30 -23.06 -7.40
N PHE C 146 0.31 -21.72 -7.37
CA PHE C 146 -0.18 -20.95 -8.52
C PHE C 146 0.93 -20.65 -9.53
N GLY C 147 1.95 -21.48 -9.52
CA GLY C 147 3.14 -21.24 -10.31
C GLY C 147 2.84 -21.29 -11.79
N LEU C 148 1.84 -22.06 -12.22
CA LEU C 148 1.45 -22.15 -13.60
C LEU C 148 0.12 -21.42 -13.84
N ALA C 149 -0.28 -20.56 -12.90
CA ALA C 149 -1.55 -19.88 -13.01
C ALA C 149 -1.39 -18.69 -13.92
N ARG C 150 -2.52 -18.28 -14.50
CA ARG C 150 -2.47 -17.34 -15.61
C ARG C 150 -3.67 -16.43 -15.47
N ALA C 151 -3.44 -15.13 -15.55
CA ALA C 151 -4.53 -14.18 -15.74
C ALA C 151 -5.10 -14.33 -17.13
N PHE C 152 -6.41 -14.56 -17.25
CA PHE C 152 -7.04 -14.69 -18.58
C PHE C 152 -7.90 -13.49 -19.02
N GLY C 153 -7.55 -12.30 -18.58
CA GLY C 153 -8.07 -11.09 -19.18
C GLY C 153 -7.99 -11.07 -20.69
N VAL C 154 -6.89 -11.51 -21.25
CA VAL C 154 -6.82 -11.91 -22.64
C VAL C 154 -6.85 -13.44 -22.58
N PRO C 155 -7.41 -14.11 -23.58
CA PRO C 155 -7.44 -15.58 -23.57
C PRO C 155 -6.04 -16.16 -23.60
N VAL C 156 -5.85 -17.17 -22.75
CA VAL C 156 -4.54 -17.76 -22.53
C VAL C 156 -4.31 -18.88 -23.52
N ARG C 157 -3.25 -18.73 -24.30
CA ARG C 157 -2.93 -19.66 -25.38
C ARG C 157 -2.57 -20.99 -24.76
N THR C 158 -2.96 -22.03 -25.45
CA THR C 158 -2.49 -23.35 -25.14
C THR C 158 -1.00 -23.60 -25.33
N TYR C 159 -0.42 -24.24 -24.32
CA TYR C 159 1.01 -24.56 -24.27
C TYR C 159 1.16 -25.76 -25.17
N THR C 160 2.11 -25.66 -26.09
CA THR C 160 2.43 -26.78 -26.95
C THR C 160 3.09 -27.91 -26.15
N HIS C 161 2.33 -28.97 -25.93
CA HIS C 161 2.73 -30.10 -25.08
C HIS C 161 3.76 -29.70 -24.02
N GLU C 162 3.32 -29.37 -22.82
CA GLU C 162 4.27 -29.21 -21.72
C GLU C 162 4.41 -30.52 -20.94
N VAL C 163 5.51 -30.62 -20.20
CA VAL C 163 5.83 -31.85 -19.45
C VAL C 163 5.33 -31.79 -17.99
N VAL C 164 4.01 -31.88 -17.82
CA VAL C 164 3.36 -32.02 -16.51
C VAL C 164 2.82 -33.48 -16.34
N THR C 165 2.41 -33.88 -15.13
CA THR C 165 1.38 -34.94 -15.02
C THR C 165 0.08 -34.50 -15.71
N LEU C 166 -0.44 -35.43 -16.49
CA LEU C 166 -1.55 -35.18 -17.37
C LEU C 166 -2.85 -35.75 -16.77
N TRP C 167 -2.73 -36.42 -15.62
CA TRP C 167 -3.84 -37.14 -15.00
C TRP C 167 -5.08 -36.28 -14.94
N TYR C 168 -4.88 -34.98 -14.76
CA TYR C 168 -5.99 -34.10 -14.41
C TYR C 168 -6.21 -33.07 -15.53
N ARG C 169 -5.91 -33.47 -16.74
CA ARG C 169 -5.88 -32.53 -17.86
C ARG C 169 -7.14 -32.72 -18.66
N ALA C 170 -7.70 -31.62 -19.14
CA ALA C 170 -9.01 -31.62 -19.72
C ALA C 170 -8.95 -32.11 -21.18
N PRO C 171 -10.01 -32.70 -21.69
CA PRO C 171 -9.90 -33.42 -22.96
C PRO C 171 -9.69 -32.46 -24.12
N GLU C 172 -9.96 -31.18 -23.93
CA GLU C 172 -9.95 -30.20 -25.00
C GLU C 172 -8.53 -29.69 -25.13
N ILE C 173 -7.78 -29.81 -24.05
CA ILE C 173 -6.37 -29.50 -24.11
C ILE C 173 -5.67 -30.62 -24.85
N LEU C 174 -6.02 -31.86 -24.54
CA LEU C 174 -5.42 -33.03 -25.14
C LEU C 174 -5.71 -33.12 -26.63
N LEU C 175 -6.84 -32.54 -27.02
CA LEU C 175 -7.31 -32.57 -28.39
C LEU C 175 -6.87 -31.37 -29.16
N GLY C 176 -6.13 -30.46 -28.51
CA GLY C 176 -5.32 -29.45 -29.17
C GLY C 176 -6.08 -28.16 -29.36
N CYS C 177 -6.97 -27.82 -28.44
CA CYS C 177 -7.65 -26.53 -28.57
C CYS C 177 -6.62 -25.42 -28.41
N LYS C 178 -6.88 -24.26 -29.02
CA LYS C 178 -5.93 -23.14 -28.96
C LYS C 178 -5.88 -22.36 -27.62
N TYR C 179 -6.93 -22.45 -26.83
CA TYR C 179 -7.09 -21.59 -25.67
C TYR C 179 -7.58 -22.34 -24.43
N TYR C 180 -7.03 -21.98 -23.28
CA TYR C 180 -7.57 -22.49 -22.02
C TYR C 180 -8.90 -21.76 -21.80
N SER C 181 -9.84 -22.38 -21.08
CA SER C 181 -10.93 -21.63 -20.49
C SER C 181 -11.00 -22.08 -19.04
N THR C 182 -11.93 -21.51 -18.26
CA THR C 182 -12.08 -21.86 -16.85
C THR C 182 -12.44 -23.33 -16.64
N ALA C 183 -12.87 -23.93 -17.75
CA ALA C 183 -13.49 -25.25 -17.71
C ALA C 183 -12.44 -26.27 -17.39
N VAL C 184 -11.19 -25.92 -17.61
CA VAL C 184 -10.13 -26.92 -17.45
C VAL C 184 -9.91 -27.16 -15.96
N ASP C 185 -10.18 -26.13 -15.14
CA ASP C 185 -10.06 -26.28 -13.70
C ASP C 185 -11.14 -27.18 -13.16
N ILE C 186 -12.34 -27.01 -13.68
CA ILE C 186 -13.49 -27.79 -13.25
C ILE C 186 -13.21 -29.24 -13.54
N TRP C 187 -12.68 -29.55 -14.73
CA TRP C 187 -12.30 -30.90 -15.12
C TRP C 187 -11.33 -31.51 -14.12
N SER C 188 -10.32 -30.75 -13.76
CA SER C 188 -9.39 -31.19 -12.74
C SER C 188 -10.08 -31.54 -11.44
N LEU C 189 -11.04 -30.72 -11.04
CA LEU C 189 -11.64 -30.86 -9.73
C LEU C 189 -12.62 -32.02 -9.81
N GLY C 190 -13.17 -32.29 -10.99
CA GLY C 190 -13.98 -33.49 -11.14
C GLY C 190 -13.18 -34.77 -10.89
N CYS C 191 -11.96 -34.79 -11.41
CA CYS C 191 -11.07 -35.94 -11.34
C CYS C 191 -10.68 -36.18 -9.89
N ILE C 192 -10.35 -35.11 -9.20
CA ILE C 192 -9.96 -35.15 -7.79
C ILE C 192 -11.14 -35.63 -6.96
N PHE C 193 -12.33 -35.20 -7.35
CA PHE C 193 -13.56 -35.63 -6.71
C PHE C 193 -13.65 -37.15 -6.78
N ALA C 194 -13.41 -37.70 -7.96
CA ALA C 194 -13.60 -39.13 -8.20
C ALA C 194 -12.54 -39.88 -7.42
N GLU C 195 -11.32 -39.34 -7.45
CA GLU C 195 -10.19 -39.93 -6.77
C GLU C 195 -10.43 -39.99 -5.28
N MET C 196 -11.15 -39.04 -4.69
CA MET C 196 -11.25 -39.06 -3.25
C MET C 196 -12.23 -40.18 -2.90
N VAL C 197 -13.22 -40.36 -3.75
CA VAL C 197 -14.32 -41.29 -3.54
C VAL C 197 -13.83 -42.71 -3.77
N THR C 198 -13.09 -42.93 -4.85
CA THR C 198 -12.69 -44.29 -5.25
C THR C 198 -11.27 -44.66 -4.82
N ARG C 199 -10.53 -43.68 -4.31
CA ARG C 199 -9.32 -43.92 -3.56
C ARG C 199 -8.18 -44.09 -4.55
N ARG C 200 -8.45 -43.65 -5.77
CA ARG C 200 -7.70 -44.13 -6.92
C ARG C 200 -7.93 -43.10 -8.02
N ALA C 201 -6.86 -42.70 -8.70
CA ALA C 201 -6.98 -41.73 -9.79
C ALA C 201 -7.94 -42.22 -10.87
N LEU C 202 -8.71 -41.31 -11.46
CA LEU C 202 -9.75 -41.68 -12.40
C LEU C 202 -9.15 -41.90 -13.78
N PHE C 203 -8.23 -41.03 -14.16
CA PHE C 203 -7.57 -41.16 -15.45
C PHE C 203 -6.02 -41.14 -15.36
N PRO C 204 -5.41 -42.16 -14.79
CA PRO C 204 -3.95 -42.18 -14.71
C PRO C 204 -3.29 -42.46 -16.09
N GLY C 205 -3.07 -41.39 -16.87
CA GLY C 205 -2.40 -41.45 -18.15
C GLY C 205 -0.88 -41.32 -18.13
N ASP C 206 -0.24 -42.11 -18.96
CA ASP C 206 1.22 -42.10 -19.05
C ASP C 206 1.69 -41.08 -20.10
N SER C 207 0.78 -40.75 -21.01
CA SER C 207 1.07 -39.94 -22.19
C SER C 207 -0.20 -39.24 -22.71
N GLU C 208 -0.06 -38.38 -23.70
CA GLU C 208 -1.28 -37.68 -24.10
C GLU C 208 -2.25 -38.69 -24.65
N ILE C 209 -1.80 -39.65 -25.43
CA ILE C 209 -2.73 -40.52 -26.15
C ILE C 209 -3.42 -41.47 -25.16
N ASP C 210 -2.68 -41.84 -24.13
CA ASP C 210 -3.11 -42.85 -23.19
C ASP C 210 -4.08 -42.14 -22.21
N GLN C 211 -3.92 -40.83 -22.04
CA GLN C 211 -4.80 -40.06 -21.18
C GLN C 211 -6.12 -39.91 -21.90
N LEU C 212 -6.08 -39.56 -23.17
CA LEU C 212 -7.30 -39.53 -23.96
C LEU C 212 -8.08 -40.85 -23.84
N PHE C 213 -7.39 -41.99 -23.86
CA PHE C 213 -8.07 -43.28 -24.04
C PHE C 213 -8.70 -43.60 -22.70
N ARG C 214 -8.06 -43.17 -21.63
CA ARG C 214 -8.60 -43.41 -20.31
C ARG C 214 -9.88 -42.62 -20.13
N ILE C 215 -9.91 -41.42 -20.65
CA ILE C 215 -11.14 -40.66 -20.64
C ILE C 215 -12.20 -41.36 -21.51
N PHE C 216 -11.82 -41.80 -22.69
CA PHE C 216 -12.77 -42.46 -23.59
C PHE C 216 -13.30 -43.77 -22.96
N ARG C 217 -12.42 -44.48 -22.25
CA ARG C 217 -12.79 -45.70 -21.55
C ARG C 217 -13.99 -45.48 -20.64
N THR C 218 -13.97 -44.42 -19.83
CA THR C 218 -15.05 -44.12 -18.90
C THR C 218 -16.22 -43.34 -19.48
N LEU C 219 -15.99 -42.31 -20.27
CA LEU C 219 -17.08 -41.35 -20.59
C LEU C 219 -17.54 -41.56 -22.01
N GLY C 220 -16.98 -42.60 -22.63
CA GLY C 220 -17.14 -42.89 -24.05
C GLY C 220 -16.44 -41.89 -24.97
N THR C 221 -16.50 -42.18 -26.25
CA THR C 221 -15.71 -41.39 -27.18
C THR C 221 -16.57 -40.22 -27.56
N PRO C 222 -16.04 -39.03 -27.40
CA PRO C 222 -16.77 -37.84 -27.83
C PRO C 222 -17.16 -37.88 -29.30
N ASP C 223 -18.38 -37.42 -29.60
CA ASP C 223 -18.85 -37.22 -30.97
C ASP C 223 -19.49 -35.84 -31.18
N GLU C 224 -19.95 -35.58 -32.40
CA GLU C 224 -20.42 -34.26 -32.77
C GLU C 224 -21.64 -33.87 -31.98
N VAL C 225 -22.41 -34.88 -31.59
CA VAL C 225 -23.63 -34.70 -30.80
C VAL C 225 -23.26 -34.13 -29.43
N VAL C 226 -22.42 -34.87 -28.70
CA VAL C 226 -22.00 -34.58 -27.33
C VAL C 226 -21.18 -33.29 -27.30
N TRP C 227 -20.39 -33.10 -28.35
CA TRP C 227 -19.39 -32.02 -28.38
C TRP C 227 -19.14 -31.48 -29.81
N PRO C 228 -20.04 -30.61 -30.29
CA PRO C 228 -19.92 -30.06 -31.64
C PRO C 228 -18.50 -29.51 -31.79
N GLY C 229 -17.87 -29.83 -32.92
CA GLY C 229 -16.55 -29.33 -33.26
C GLY C 229 -15.43 -30.34 -33.03
N VAL C 230 -15.71 -31.39 -32.26
CA VAL C 230 -14.66 -32.22 -31.69
C VAL C 230 -13.88 -32.98 -32.76
N THR C 231 -14.59 -33.50 -33.77
CA THR C 231 -13.96 -34.29 -34.84
C THR C 231 -13.13 -33.44 -35.76
N SER C 232 -13.21 -32.12 -35.58
CA SER C 232 -12.52 -31.14 -36.42
C SER C 232 -11.42 -30.49 -35.58
N MET C 233 -11.06 -31.08 -34.43
CA MET C 233 -9.94 -30.58 -33.62
C MET C 233 -8.63 -31.25 -34.03
N PRO C 234 -7.50 -30.60 -33.79
CA PRO C 234 -6.24 -30.99 -34.45
C PRO C 234 -5.78 -32.41 -34.11
N ASP C 235 -5.89 -32.75 -32.84
CA ASP C 235 -5.43 -34.04 -32.36
C ASP C 235 -6.55 -35.03 -32.16
N TYR C 236 -7.72 -34.66 -32.67
CA TYR C 236 -8.74 -35.67 -32.93
C TYR C 236 -8.28 -36.64 -34.01
N LYS C 237 -8.47 -37.94 -33.78
CA LYS C 237 -8.22 -38.92 -34.84
C LYS C 237 -9.47 -39.73 -35.17
N PRO C 238 -9.85 -39.84 -36.43
CA PRO C 238 -10.92 -40.75 -36.84
C PRO C 238 -10.67 -42.20 -36.46
N SER C 239 -9.42 -42.63 -36.31
CA SER C 239 -9.11 -44.00 -35.89
C SER C 239 -9.21 -44.27 -34.37
N PHE C 240 -9.80 -43.33 -33.65
CA PHE C 240 -10.08 -43.50 -32.22
C PHE C 240 -11.18 -44.53 -32.14
N PRO C 241 -11.10 -45.40 -31.15
CA PRO C 241 -12.11 -46.44 -30.99
C PRO C 241 -13.39 -45.74 -30.64
N LYS C 242 -14.54 -46.31 -30.98
CA LYS C 242 -15.82 -45.71 -30.64
C LYS C 242 -16.42 -46.52 -29.50
N TRP C 243 -16.05 -46.10 -28.31
CA TRP C 243 -16.50 -46.69 -27.06
C TRP C 243 -17.71 -46.00 -26.50
N ALA C 244 -18.50 -46.72 -25.73
CA ALA C 244 -19.75 -46.16 -25.27
C ALA C 244 -19.48 -45.66 -23.87
N ARG C 245 -20.17 -44.58 -23.55
CA ARG C 245 -20.19 -44.00 -22.21
C ARG C 245 -20.76 -44.98 -21.19
N GLN C 246 -19.90 -45.56 -20.38
CA GLN C 246 -20.40 -46.45 -19.34
C GLN C 246 -20.96 -45.72 -18.13
N ASP C 247 -21.93 -46.33 -17.46
CA ASP C 247 -22.75 -45.59 -16.50
C ASP C 247 -21.91 -45.22 -15.28
N PHE C 248 -22.23 -44.08 -14.69
CA PHE C 248 -21.46 -43.59 -13.56
C PHE C 248 -21.70 -44.37 -12.29
N SER C 249 -22.87 -44.98 -12.17
CA SER C 249 -23.10 -45.88 -11.06
C SER C 249 -21.92 -46.85 -10.88
N LYS C 250 -21.09 -47.06 -11.89
CA LYS C 250 -20.04 -48.05 -11.74
C LYS C 250 -18.65 -47.42 -11.68
N VAL C 251 -18.56 -46.15 -12.07
CA VAL C 251 -17.35 -45.36 -11.91
C VAL C 251 -17.17 -44.73 -10.52
N VAL C 252 -18.26 -44.42 -9.85
CA VAL C 252 -18.20 -43.99 -8.46
C VAL C 252 -19.29 -44.64 -7.65
N PRO C 253 -19.13 -45.92 -7.34
CA PRO C 253 -20.12 -46.66 -6.54
C PRO C 253 -20.60 -45.89 -5.30
N PRO C 254 -19.69 -45.35 -4.51
CA PRO C 254 -20.09 -44.84 -3.19
C PRO C 254 -20.97 -43.63 -3.21
N LEU C 255 -21.20 -43.09 -4.40
CA LEU C 255 -21.55 -41.69 -4.50
C LEU C 255 -23.02 -41.68 -4.75
N ASP C 256 -23.69 -40.80 -4.03
CA ASP C 256 -25.13 -40.80 -4.13
C ASP C 256 -25.51 -40.14 -5.44
N GLU C 257 -26.81 -40.07 -5.72
CA GLU C 257 -27.29 -39.52 -6.98
C GLU C 257 -26.84 -38.07 -7.23
N ASP C 258 -26.98 -37.17 -6.24
CA ASP C 258 -26.64 -35.75 -6.43
C ASP C 258 -25.14 -35.58 -6.76
N GLY C 259 -24.32 -36.44 -6.17
CA GLY C 259 -22.90 -36.46 -6.46
C GLY C 259 -22.61 -36.89 -7.88
N ARG C 260 -23.25 -37.97 -8.33
CA ARG C 260 -23.07 -38.41 -9.70
C ARG C 260 -23.55 -37.37 -10.70
N SER C 261 -24.66 -36.70 -10.42
CA SER C 261 -25.06 -35.62 -11.29
C SER C 261 -23.95 -34.55 -11.40
N LEU C 262 -23.36 -34.18 -10.27
CA LEU C 262 -22.46 -33.03 -10.27
C LEU C 262 -21.20 -33.50 -10.96
N LEU C 263 -20.74 -34.72 -10.68
CA LEU C 263 -19.52 -35.21 -11.32
C LEU C 263 -19.68 -35.29 -12.84
N SER C 264 -20.87 -35.62 -13.31
CA SER C 264 -21.14 -35.76 -14.74
C SER C 264 -21.03 -34.39 -15.43
N GLN C 265 -21.38 -33.35 -14.70
CA GLN C 265 -21.41 -32.01 -15.24
C GLN C 265 -20.06 -31.39 -15.19
N MET C 266 -19.29 -31.79 -14.18
CA MET C 266 -17.88 -31.47 -14.17
C MET C 266 -17.00 -32.23 -15.17
N LEU C 267 -17.44 -33.36 -15.70
CA LEU C 267 -16.62 -34.13 -16.62
C LEU C 267 -17.26 -34.14 -17.98
N HIS C 268 -18.08 -33.13 -18.25
CA HIS C 268 -18.74 -32.97 -19.53
C HIS C 268 -17.69 -32.71 -20.59
N TYR C 269 -17.88 -33.26 -21.79
CA TYR C 269 -16.83 -33.16 -22.79
C TYR C 269 -16.71 -31.72 -23.23
N ASP C 270 -17.82 -31.10 -23.64
CA ASP C 270 -17.76 -29.77 -24.26
C ASP C 270 -17.52 -28.76 -23.17
N PRO C 271 -16.42 -28.08 -23.22
CA PRO C 271 -16.11 -27.13 -22.14
C PRO C 271 -17.06 -25.96 -22.09
N ASN C 272 -17.84 -25.70 -23.13
CA ASN C 272 -18.89 -24.68 -23.07
C ASN C 272 -20.09 -25.08 -22.25
N LYS C 273 -20.38 -26.37 -22.22
CA LYS C 273 -21.54 -26.89 -21.49
C LYS C 273 -21.11 -27.44 -20.11
N ARG C 274 -19.84 -27.60 -19.88
CA ARG C 274 -19.33 -28.00 -18.58
C ARG C 274 -19.64 -26.95 -17.52
N ILE C 275 -20.06 -27.41 -16.35
CA ILE C 275 -20.54 -26.56 -15.26
C ILE C 275 -19.39 -25.70 -14.74
N SER C 276 -19.72 -24.46 -14.42
CA SER C 276 -18.72 -23.56 -13.85
C SER C 276 -18.72 -23.77 -12.36
N ALA C 277 -17.75 -23.15 -11.70
CA ALA C 277 -17.59 -23.32 -10.27
C ALA C 277 -18.76 -22.67 -9.57
N LYS C 278 -19.16 -21.49 -10.04
CA LYS C 278 -20.28 -20.75 -9.41
C LYS C 278 -21.54 -21.59 -9.39
N ALA C 279 -21.91 -22.15 -10.53
CA ALA C 279 -23.08 -23.02 -10.65
C ALA C 279 -22.91 -24.33 -9.90
N ALA C 280 -21.71 -24.87 -9.88
CA ALA C 280 -21.49 -26.12 -9.19
C ALA C 280 -21.84 -25.97 -7.72
N LEU C 281 -21.45 -24.82 -7.15
CA LEU C 281 -21.78 -24.45 -5.78
C LEU C 281 -23.28 -24.37 -5.47
N ALA C 282 -24.09 -24.18 -6.51
CA ALA C 282 -25.55 -24.12 -6.38
C ALA C 282 -26.16 -25.49 -6.55
N HIS C 283 -25.33 -26.48 -6.86
CA HIS C 283 -25.85 -27.85 -7.10
C HIS C 283 -26.47 -28.39 -5.80
N PRO C 284 -27.51 -29.18 -5.89
CA PRO C 284 -28.17 -29.71 -4.69
C PRO C 284 -27.25 -30.60 -3.86
N PHE C 285 -26.17 -31.12 -4.43
CA PHE C 285 -25.21 -31.92 -3.67
C PHE C 285 -24.67 -31.17 -2.46
N PHE C 286 -24.59 -29.84 -2.57
CA PHE C 286 -23.99 -29.08 -1.49
C PHE C 286 -25.02 -28.48 -0.52
N GLN C 287 -26.26 -28.98 -0.58
CA GLN C 287 -27.36 -28.42 0.22
C GLN C 287 -27.25 -28.80 1.69
N ASP C 288 -26.67 -29.97 1.94
CA ASP C 288 -26.52 -30.54 3.28
C ASP C 288 -25.02 -30.65 3.60
N VAL C 289 -24.23 -29.67 3.20
CA VAL C 289 -22.78 -29.75 3.38
C VAL C 289 -22.42 -29.34 4.79
N THR C 290 -21.44 -30.03 5.37
CA THR C 290 -20.98 -29.73 6.73
C THR C 290 -19.46 -29.49 6.78
N LYS C 291 -18.90 -29.27 7.95
CA LYS C 291 -17.47 -29.02 8.04
C LYS C 291 -16.81 -30.03 8.98
N PRO C 292 -16.67 -31.29 8.56
CA PRO C 292 -15.92 -32.27 9.35
C PRO C 292 -14.44 -31.98 9.35
N VAL C 293 -13.75 -32.57 10.33
CA VAL C 293 -12.30 -32.52 10.46
C VAL C 293 -11.78 -33.85 10.06
N PRO C 294 -10.60 -33.81 9.47
CA PRO C 294 -9.87 -35.03 9.10
C PRO C 294 -9.29 -35.77 10.31
N HIS C 295 -9.03 -37.06 10.12
CA HIS C 295 -8.16 -37.84 11.00
C HIS C 295 -6.77 -37.94 10.35
N LEU C 296 -5.80 -37.21 10.90
CA LEU C 296 -4.48 -37.01 10.27
C LEU C 296 -3.45 -38.06 10.72
N VAL D 3 -21.60 -16.13 -23.23
CA VAL D 3 -21.13 -15.33 -22.05
C VAL D 3 -21.19 -16.09 -20.69
N PRO D 4 -20.05 -16.46 -20.11
CA PRO D 4 -20.02 -17.10 -18.78
C PRO D 4 -20.50 -16.27 -17.57
N ASP D 5 -20.74 -16.97 -16.45
CA ASP D 5 -21.35 -16.35 -15.27
C ASP D 5 -20.40 -15.47 -14.41
N TYR D 6 -19.11 -15.54 -14.73
CA TYR D 6 -18.06 -14.77 -14.06
C TYR D 6 -17.58 -13.59 -14.91
N HIS D 7 -18.01 -13.50 -16.17
CA HIS D 7 -17.68 -12.39 -17.08
C HIS D 7 -18.00 -10.99 -16.57
N GLU D 8 -19.27 -10.78 -16.23
CA GLU D 8 -19.66 -9.54 -15.61
C GLU D 8 -18.77 -9.30 -14.38
N ASP D 9 -18.45 -10.36 -13.66
CA ASP D 9 -17.60 -10.27 -12.46
C ASP D 9 -16.14 -9.87 -12.75
N ILE D 10 -15.61 -10.41 -13.83
CA ILE D 10 -14.31 -10.04 -14.35
C ILE D 10 -14.27 -8.61 -14.85
N HIS D 11 -15.22 -8.20 -15.69
CA HIS D 11 -15.27 -6.79 -16.05
C HIS D 11 -15.33 -5.84 -14.89
N THR D 12 -16.14 -6.15 -13.89
CA THR D 12 -16.13 -5.35 -12.68
C THR D 12 -14.76 -5.29 -12.03
N TYR D 13 -14.09 -6.45 -11.92
CA TYR D 13 -12.82 -6.57 -11.18
C TYR D 13 -11.72 -5.83 -11.93
N LEU D 14 -11.72 -5.95 -13.26
CA LEU D 14 -10.76 -5.23 -14.07
C LEU D 14 -10.95 -3.72 -13.94
N ARG D 15 -12.20 -3.28 -13.81
CA ARG D 15 -12.49 -1.85 -13.69
C ARG D 15 -12.13 -1.28 -12.33
N GLU D 16 -12.20 -2.11 -11.30
CA GLU D 16 -11.57 -1.86 -10.00
C GLU D 16 -10.05 -1.77 -10.09
N MET D 17 -9.45 -2.72 -10.82
CA MET D 17 -8.01 -2.94 -10.77
C MET D 17 -7.28 -1.94 -11.64
N GLU D 18 -7.97 -1.28 -12.55
CA GLU D 18 -7.28 -0.39 -13.49
C GLU D 18 -7.10 0.95 -12.82
N VAL D 19 -7.85 1.18 -11.75
CA VAL D 19 -7.73 2.41 -11.00
C VAL D 19 -6.55 2.34 -10.08
N LYS D 20 -6.15 1.12 -9.72
CA LYS D 20 -5.02 0.94 -8.82
C LYS D 20 -3.69 0.84 -9.57
N CYS D 21 -3.75 0.36 -10.81
CA CYS D 21 -2.59 0.32 -11.70
C CYS D 21 -2.43 1.53 -12.61
N LYS D 22 -3.08 2.65 -12.24
CA LYS D 22 -2.93 3.88 -13.00
C LYS D 22 -1.63 4.54 -12.58
N PRO D 23 -0.79 4.84 -13.56
CA PRO D 23 0.33 5.74 -13.37
C PRO D 23 -0.11 7.11 -12.96
N LYS D 24 0.80 7.88 -12.39
CA LYS D 24 0.54 9.26 -12.01
C LYS D 24 0.46 10.09 -13.28
N VAL D 25 -0.56 10.95 -13.37
CA VAL D 25 -0.72 11.77 -14.57
C VAL D 25 0.53 12.62 -14.84
N GLY D 26 1.05 13.24 -13.79
CA GLY D 26 2.19 14.14 -13.90
C GLY D 26 3.45 13.49 -14.43
N TYR D 27 4.11 12.74 -13.54
CA TYR D 27 5.11 11.71 -13.87
C TYR D 27 6.23 12.34 -14.68
N MET D 28 6.04 12.59 -15.98
CA MET D 28 7.14 13.01 -16.83
C MET D 28 7.64 14.45 -16.59
N LYS D 29 6.74 15.32 -16.12
CA LYS D 29 7.06 16.72 -15.78
C LYS D 29 7.86 16.80 -14.45
N LYS D 30 7.72 15.76 -13.63
CA LYS D 30 8.53 15.60 -12.42
C LYS D 30 9.77 14.73 -12.65
N GLN D 31 9.94 14.18 -13.83
CA GLN D 31 11.22 13.59 -14.24
C GLN D 31 12.11 14.65 -14.89
N PRO D 32 13.24 14.91 -14.22
CA PRO D 32 14.24 15.89 -14.66
C PRO D 32 14.93 15.52 -15.97
N ASP D 33 15.30 14.27 -16.17
CA ASP D 33 16.23 14.01 -17.26
C ASP D 33 15.61 13.29 -18.43
N ILE D 34 14.40 12.79 -18.24
CA ILE D 34 13.64 12.26 -19.36
C ILE D 34 12.34 12.99 -19.67
N THR D 35 11.85 12.73 -20.86
CA THR D 35 10.64 13.37 -21.37
C THR D 35 9.67 12.42 -22.03
N ASN D 36 8.48 12.91 -22.37
CA ASN D 36 7.47 12.14 -23.13
C ASN D 36 7.96 11.75 -24.53
N SER D 37 8.85 12.54 -25.12
CA SER D 37 9.42 12.14 -26.42
C SER D 37 10.32 10.94 -26.26
N MET D 38 11.18 10.93 -25.24
CA MET D 38 12.06 9.79 -25.06
C MET D 38 11.22 8.55 -24.78
N ARG D 39 10.07 8.75 -24.15
CA ARG D 39 9.23 7.62 -23.88
C ARG D 39 8.58 7.01 -25.16
N ALA D 40 8.29 7.86 -26.13
CA ALA D 40 7.66 7.41 -27.37
C ALA D 40 8.69 6.60 -28.14
N ILE D 41 9.94 7.02 -28.06
CA ILE D 41 11.03 6.27 -28.68
C ILE D 41 11.13 4.92 -28.03
N LEU D 42 10.91 4.87 -26.71
CA LEU D 42 11.14 3.65 -25.93
C LEU D 42 10.08 2.65 -26.30
N VAL D 43 8.83 3.13 -26.21
CA VAL D 43 7.70 2.24 -26.43
C VAL D 43 7.76 1.80 -27.86
N ASP D 44 8.18 2.68 -28.74
CA ASP D 44 8.16 2.33 -30.14
C ASP D 44 9.20 1.27 -30.43
N TRP D 45 10.29 1.31 -29.68
CA TRP D 45 11.31 0.26 -29.81
C TRP D 45 10.81 -1.09 -29.30
N LEU D 46 9.87 -1.04 -28.36
CA LEU D 46 9.40 -2.26 -27.71
C LEU D 46 8.45 -2.95 -28.67
N VAL D 47 7.77 -2.14 -29.47
CA VAL D 47 7.06 -2.68 -30.60
C VAL D 47 7.94 -3.54 -31.52
N GLU D 48 9.06 -3.01 -32.04
CA GLU D 48 10.06 -3.82 -32.71
C GLU D 48 10.40 -5.12 -31.95
N VAL D 49 10.62 -5.01 -30.64
CA VAL D 49 11.16 -6.18 -29.94
C VAL D 49 10.07 -7.22 -29.83
N GLY D 50 8.84 -6.75 -29.72
CA GLY D 50 7.67 -7.58 -29.98
C GLY D 50 7.67 -8.38 -31.28
N GLU D 51 7.81 -7.69 -32.39
CA GLU D 51 7.78 -8.35 -33.68
C GLU D 51 9.00 -9.25 -33.87
N GLU D 52 10.17 -8.80 -33.42
CA GLU D 52 11.37 -9.61 -33.61
C GLU D 52 11.35 -10.90 -32.78
N TYR D 53 10.68 -10.91 -31.64
CA TYR D 53 10.63 -12.15 -30.85
C TYR D 53 9.22 -12.73 -30.73
N LYS D 54 8.31 -12.18 -31.54
CA LYS D 54 7.02 -12.77 -31.82
C LYS D 54 6.26 -12.86 -30.50
N LEU D 55 6.28 -11.74 -29.78
CA LEU D 55 5.58 -11.57 -28.53
C LEU D 55 4.11 -11.13 -28.75
N GLN D 56 3.30 -11.49 -27.78
CA GLN D 56 1.89 -11.21 -27.81
C GLN D 56 1.64 -9.70 -27.72
N ASN D 57 0.50 -9.22 -28.20
CA ASN D 57 0.20 -7.83 -28.02
C ASN D 57 -0.06 -7.51 -26.55
N GLU D 58 -0.39 -8.54 -25.75
CA GLU D 58 -0.61 -8.31 -24.33
C GLU D 58 0.70 -7.92 -23.63
N THR D 59 1.77 -8.55 -24.04
CA THR D 59 3.01 -8.36 -23.34
C THR D 59 3.50 -6.94 -23.53
N LEU D 60 3.35 -6.42 -24.74
CA LEU D 60 3.64 -5.01 -24.97
C LEU D 60 2.82 -4.13 -24.03
N HIS D 61 1.53 -4.37 -23.89
CA HIS D 61 0.73 -3.38 -23.18
C HIS D 61 1.14 -3.39 -21.72
N LEU D 62 1.58 -4.53 -21.22
CA LEU D 62 1.83 -4.73 -19.81
C LEU D 62 3.21 -4.14 -19.56
N ALA D 63 4.14 -4.30 -20.49
CA ALA D 63 5.48 -3.76 -20.25
C ALA D 63 5.39 -2.26 -20.13
N VAL D 64 4.44 -1.68 -20.84
CA VAL D 64 4.42 -0.24 -20.96
C VAL D 64 3.82 0.26 -19.68
N ASN D 65 2.85 -0.51 -19.20
CA ASN D 65 2.23 -0.26 -17.94
C ASN D 65 3.22 -0.30 -16.77
N TYR D 66 4.20 -1.21 -16.81
CA TYR D 66 5.21 -1.29 -15.77
C TYR D 66 6.18 -0.10 -15.83
N ILE D 67 6.57 0.25 -17.04
CA ILE D 67 7.43 1.39 -17.26
C ILE D 67 6.78 2.61 -16.66
N ASP D 68 5.50 2.80 -16.97
CA ASP D 68 4.83 4.00 -16.54
C ASP D 68 4.74 4.08 -15.00
N ARG D 69 4.44 2.95 -14.35
CA ARG D 69 4.37 2.88 -12.88
C ARG D 69 5.71 3.06 -12.16
N PHE D 70 6.76 2.61 -12.84
CA PHE D 70 8.09 2.65 -12.30
C PHE D 70 8.62 4.07 -12.38
N LEU D 71 8.38 4.70 -13.53
CA LEU D 71 8.72 6.10 -13.76
C LEU D 71 7.86 7.14 -13.06
N SER D 72 6.74 6.68 -12.54
CA SER D 72 5.94 7.45 -11.57
C SER D 72 6.49 7.62 -10.18
N SER D 73 7.13 6.60 -9.61
CA SER D 73 7.77 6.69 -8.29
C SER D 73 9.30 6.79 -8.27
N MET D 74 9.95 6.54 -9.41
CA MET D 74 11.43 6.54 -9.43
C MET D 74 12.03 7.32 -10.59
N SER D 75 12.91 8.27 -10.30
CA SER D 75 13.55 9.11 -11.31
C SER D 75 14.58 8.25 -11.99
N VAL D 76 14.63 8.39 -13.31
CA VAL D 76 15.54 7.64 -14.16
C VAL D 76 16.17 8.58 -15.17
N LEU D 77 17.47 8.49 -15.29
CA LEU D 77 18.20 9.26 -16.29
C LEU D 77 18.03 8.60 -17.62
N ARG D 78 18.34 9.36 -18.66
CA ARG D 78 18.03 8.96 -20.02
C ARG D 78 18.80 7.72 -20.42
N GLY D 79 20.07 7.63 -20.07
CA GLY D 79 20.84 6.44 -20.39
C GLY D 79 20.38 5.16 -19.69
N LYS D 80 19.53 5.27 -18.66
CA LYS D 80 19.03 4.05 -18.03
C LYS D 80 17.57 3.76 -18.45
N LEU D 81 16.97 4.68 -19.19
CA LEU D 81 15.55 4.58 -19.56
C LEU D 81 15.26 3.27 -20.31
N GLN D 82 16.23 2.78 -21.07
CA GLN D 82 16.06 1.63 -21.95
C GLN D 82 16.29 0.40 -21.11
N LEU D 83 17.13 0.48 -20.11
CA LEU D 83 17.22 -0.63 -19.14
C LEU D 83 15.92 -0.87 -18.39
N VAL D 84 15.21 0.20 -18.02
CA VAL D 84 13.91 0.03 -17.42
C VAL D 84 12.97 -0.63 -18.39
N GLY D 85 13.03 -0.25 -19.66
CA GLY D 85 12.13 -0.77 -20.67
C GLY D 85 12.44 -2.22 -21.01
N THR D 86 13.71 -2.56 -21.02
CA THR D 86 14.11 -3.94 -21.19
C THR D 86 13.64 -4.87 -20.07
N ALA D 87 13.88 -4.43 -18.84
CA ALA D 87 13.47 -5.17 -17.64
C ALA D 87 11.98 -5.39 -17.61
N ALA D 88 11.22 -4.41 -18.08
CA ALA D 88 9.78 -4.46 -18.10
C ALA D 88 9.25 -5.39 -19.17
N MET D 89 9.80 -5.33 -20.38
CA MET D 89 9.48 -6.36 -21.39
C MET D 89 9.81 -7.75 -20.89
N LEU D 90 10.95 -7.92 -20.21
CA LEU D 90 11.32 -9.22 -19.66
C LEU D 90 10.27 -9.71 -18.61
N LEU D 91 9.80 -8.84 -17.73
CA LEU D 91 8.88 -9.25 -16.68
C LEU D 91 7.52 -9.48 -17.30
N ALA D 92 7.20 -8.64 -18.27
CA ALA D 92 5.92 -8.77 -18.95
C ALA D 92 5.84 -10.06 -19.73
N SER D 93 6.98 -10.47 -20.32
CA SER D 93 7.08 -11.73 -21.05
C SER D 93 6.99 -12.95 -20.13
N LYS D 94 7.54 -12.84 -18.93
CA LYS D 94 7.46 -13.92 -17.96
C LYS D 94 6.01 -14.09 -17.50
N PHE D 95 5.22 -13.03 -17.62
CA PHE D 95 3.86 -13.04 -17.08
C PHE D 95 2.86 -13.58 -18.07
N GLU D 96 3.08 -13.32 -19.34
CA GLU D 96 2.06 -13.43 -20.38
C GLU D 96 2.47 -14.43 -21.48
N GLU D 97 3.76 -14.57 -21.75
CA GLU D 97 4.22 -15.49 -22.78
C GLU D 97 4.26 -16.91 -22.26
N ILE D 98 4.04 -17.88 -23.15
CA ILE D 98 4.12 -19.27 -22.80
C ILE D 98 5.59 -19.53 -22.43
N TYR D 99 6.49 -19.10 -23.33
CA TYR D 99 7.94 -19.20 -23.14
C TYR D 99 8.53 -17.83 -23.47
N PRO D 100 9.04 -17.13 -22.46
CA PRO D 100 9.72 -15.86 -22.67
C PRO D 100 11.10 -16.05 -23.33
N PRO D 101 11.52 -15.07 -24.12
CA PRO D 101 12.89 -14.98 -24.57
C PRO D 101 13.82 -15.03 -23.40
N GLU D 102 15.00 -15.64 -23.56
CA GLU D 102 16.02 -15.67 -22.52
C GLU D 102 16.44 -14.24 -22.16
N VAL D 103 16.96 -14.03 -20.95
CA VAL D 103 17.51 -12.73 -20.62
C VAL D 103 18.61 -12.30 -21.57
N ALA D 104 19.48 -13.21 -22.00
CA ALA D 104 20.58 -12.85 -22.91
C ALA D 104 20.02 -12.15 -24.14
N GLU D 105 18.83 -12.55 -24.53
CA GLU D 105 18.19 -11.99 -25.70
C GLU D 105 17.70 -10.58 -25.45
N PHE D 106 17.39 -10.27 -24.19
CA PHE D 106 17.01 -8.90 -23.84
C PHE D 106 18.22 -7.98 -23.74
N VAL D 107 19.34 -8.53 -23.35
CA VAL D 107 20.65 -7.86 -23.51
C VAL D 107 21.00 -7.60 -24.98
N TYR D 108 20.75 -8.59 -25.83
CA TYR D 108 21.21 -8.56 -27.19
C TYR D 108 20.44 -7.50 -27.96
N ILE D 109 19.13 -7.41 -27.77
CA ILE D 109 18.35 -6.36 -28.42
C ILE D 109 18.72 -4.93 -28.02
N THR D 110 19.49 -4.72 -26.95
CA THR D 110 19.95 -3.37 -26.65
C THR D 110 21.28 -2.97 -27.32
N ASP D 111 21.85 -3.85 -28.15
CA ASP D 111 23.24 -3.76 -28.60
C ASP D 111 24.23 -3.70 -27.42
N ASP D 112 24.16 -4.68 -26.53
CA ASP D 112 25.05 -4.75 -25.40
C ASP D 112 25.20 -3.46 -24.60
N THR D 113 24.17 -2.62 -24.53
CA THR D 113 24.27 -1.40 -23.73
C THR D 113 24.38 -1.75 -22.24
N TYR D 114 23.71 -2.84 -21.88
CA TYR D 114 23.62 -3.22 -20.48
C TYR D 114 24.00 -4.69 -20.39
N THR D 115 24.54 -5.09 -19.24
CA THR D 115 24.98 -6.45 -19.07
C THR D 115 23.78 -7.25 -18.57
N LYS D 116 24.00 -8.55 -18.44
CA LYS D 116 23.04 -9.43 -17.84
C LYS D 116 22.76 -8.95 -16.43
N LYS D 117 23.80 -8.63 -15.68
CA LYS D 117 23.59 -8.35 -14.26
C LYS D 117 22.64 -7.19 -14.20
N GLN D 118 22.88 -6.14 -14.98
CA GLN D 118 22.05 -4.95 -14.85
C GLN D 118 20.59 -5.24 -15.16
N VAL D 119 20.36 -6.03 -16.21
CA VAL D 119 19.01 -6.41 -16.57
C VAL D 119 18.36 -7.16 -15.42
N LEU D 120 19.11 -7.98 -14.71
CA LEU D 120 18.49 -8.80 -13.70
C LEU D 120 18.29 -7.99 -12.45
N ARG D 121 19.24 -7.13 -12.14
CA ARG D 121 19.08 -6.25 -11.00
C ARG D 121 17.94 -5.27 -11.22
N MET D 122 17.76 -4.81 -12.46
CA MET D 122 16.61 -3.93 -12.77
C MET D 122 15.30 -4.67 -12.69
N GLU D 123 15.25 -5.90 -13.19
CA GLU D 123 14.08 -6.74 -13.01
C GLU D 123 13.62 -6.80 -11.54
N HIS D 124 14.52 -7.13 -10.63
CA HIS D 124 14.23 -7.05 -9.21
C HIS D 124 13.78 -5.66 -8.75
N LEU D 125 14.46 -4.61 -9.14
CA LEU D 125 13.98 -3.32 -8.68
C LEU D 125 12.56 -3.00 -9.17
N VAL D 126 12.23 -3.42 -10.38
CA VAL D 126 10.93 -3.10 -10.95
C VAL D 126 9.85 -3.84 -10.17
N LEU D 127 10.16 -5.05 -9.75
CA LEU D 127 9.27 -5.85 -8.97
C LEU D 127 9.05 -5.22 -7.62
N LYS D 128 10.09 -4.66 -7.02
CA LYS D 128 9.94 -4.06 -5.70
C LYS D 128 9.14 -2.77 -5.80
N VAL D 129 9.36 -1.95 -6.84
CA VAL D 129 8.61 -0.72 -7.03
C VAL D 129 7.18 -0.93 -7.40
N LEU D 130 6.97 -2.03 -8.12
CA LEU D 130 5.61 -2.45 -8.44
C LEU D 130 4.93 -3.30 -7.38
N THR D 131 5.62 -3.56 -6.27
CA THR D 131 5.17 -4.52 -5.25
C THR D 131 4.52 -5.74 -5.88
N PHE D 132 5.15 -6.23 -6.93
CA PHE D 132 4.82 -7.48 -7.60
C PHE D 132 3.43 -7.50 -8.20
N ASP D 133 2.80 -6.34 -8.36
CA ASP D 133 1.47 -6.30 -8.96
C ASP D 133 1.60 -6.27 -10.47
N LEU D 134 1.66 -7.43 -11.11
CA LEU D 134 1.89 -7.40 -12.54
C LEU D 134 0.66 -7.75 -13.36
N ALA D 135 -0.43 -8.16 -12.72
CA ALA D 135 -1.67 -8.47 -13.45
C ALA D 135 -2.43 -7.19 -13.78
N ALA D 136 -1.78 -6.24 -14.44
CA ALA D 136 -2.44 -4.98 -14.75
C ALA D 136 -3.49 -5.14 -15.84
N PRO D 137 -4.67 -4.59 -15.62
CA PRO D 137 -5.66 -4.46 -16.69
C PRO D 137 -5.16 -3.49 -17.75
N THR D 138 -5.19 -3.94 -19.01
CA THR D 138 -4.77 -3.16 -20.15
C THR D 138 -5.86 -2.88 -21.17
N VAL D 139 -5.57 -1.92 -22.04
CA VAL D 139 -6.46 -1.62 -23.14
C VAL D 139 -6.85 -2.88 -23.92
N ASN D 140 -5.87 -3.76 -24.16
CA ASN D 140 -6.04 -5.00 -24.91
C ASN D 140 -7.12 -5.81 -24.20
N GLN D 141 -7.02 -5.92 -22.88
CA GLN D 141 -7.95 -6.75 -22.11
C GLN D 141 -9.36 -6.25 -22.25
N PHE D 142 -9.51 -4.95 -22.34
CA PHE D 142 -10.86 -4.46 -22.30
C PHE D 142 -11.49 -4.62 -23.67
N LEU D 143 -10.64 -4.50 -24.68
CA LEU D 143 -11.03 -4.69 -26.07
C LEU D 143 -11.58 -6.08 -26.22
N THR D 144 -10.92 -7.07 -25.64
CA THR D 144 -11.34 -8.46 -25.83
C THR D 144 -12.76 -8.68 -25.32
N GLN D 145 -13.06 -8.02 -24.20
CA GLN D 145 -14.40 -8.03 -23.64
C GLN D 145 -15.34 -7.36 -24.65
N TYR D 146 -15.02 -6.15 -25.05
CA TYR D 146 -15.89 -5.43 -25.95
C TYR D 146 -16.13 -6.22 -27.24
N PHE D 147 -15.19 -7.03 -27.68
CA PHE D 147 -15.35 -7.66 -28.99
C PHE D 147 -16.58 -8.54 -29.02
N LEU D 148 -17.01 -9.03 -27.86
CA LEU D 148 -18.15 -9.96 -27.80
C LEU D 148 -19.48 -9.27 -28.14
N HIS D 149 -19.47 -7.94 -28.11
CA HIS D 149 -20.69 -7.18 -28.35
C HIS D 149 -20.67 -6.65 -29.77
N GLN D 150 -19.93 -7.32 -30.62
CA GLN D 150 -20.01 -7.03 -32.04
C GLN D 150 -21.18 -7.78 -32.63
N GLN D 151 -21.62 -7.28 -33.78
CA GLN D 151 -22.77 -7.84 -34.48
C GLN D 151 -22.71 -7.41 -35.95
N PRO D 152 -22.11 -8.26 -36.79
CA PRO D 152 -21.35 -9.43 -36.32
C PRO D 152 -19.86 -9.12 -36.04
N ALA D 153 -19.13 -10.18 -35.72
CA ALA D 153 -17.68 -10.13 -35.60
C ALA D 153 -17.08 -9.80 -36.95
N ASN D 154 -16.03 -9.00 -36.90
CA ASN D 154 -15.40 -8.43 -38.07
C ASN D 154 -13.91 -8.33 -37.76
N CYS D 155 -13.11 -9.20 -38.34
CA CYS D 155 -11.67 -9.19 -38.10
C CYS D 155 -11.06 -7.82 -38.22
N LYS D 156 -11.49 -7.04 -39.21
CA LYS D 156 -10.87 -5.75 -39.51
C LYS D 156 -11.22 -4.73 -38.42
N VAL D 157 -12.44 -4.78 -37.92
CA VAL D 157 -12.80 -3.92 -36.81
C VAL D 157 -11.98 -4.26 -35.56
N GLU D 158 -11.78 -5.55 -35.35
CA GLU D 158 -11.04 -6.03 -34.20
C GLU D 158 -9.53 -5.66 -34.29
N SER D 159 -8.90 -5.89 -35.45
CA SER D 159 -7.50 -5.50 -35.69
C SER D 159 -7.22 -4.01 -35.71
N LEU D 160 -8.10 -3.24 -36.34
CA LEU D 160 -8.07 -1.78 -36.25
C LEU D 160 -8.18 -1.23 -34.81
N ALA D 161 -9.06 -1.82 -33.99
CA ALA D 161 -9.21 -1.39 -32.60
C ALA D 161 -7.91 -1.59 -31.84
N MET D 162 -7.31 -2.77 -32.00
CA MET D 162 -6.00 -3.05 -31.46
C MET D 162 -5.00 -2.00 -31.93
N PHE D 163 -5.02 -1.67 -33.21
CA PHE D 163 -4.02 -0.78 -33.75
C PHE D 163 -4.09 0.59 -33.07
N LEU D 164 -5.27 1.16 -32.95
CA LEU D 164 -5.41 2.45 -32.28
C LEU D 164 -5.12 2.41 -30.78
N GLY D 165 -5.32 1.24 -30.17
CA GLY D 165 -4.90 0.94 -28.81
C GLY D 165 -3.39 1.05 -28.66
N GLU D 166 -2.64 0.48 -29.60
CA GLU D 166 -1.19 0.43 -29.51
C GLU D 166 -0.61 1.82 -29.72
N LEU D 167 -1.23 2.60 -30.59
CA LEU D 167 -0.78 3.97 -30.77
C LEU D 167 -0.99 4.84 -29.55
N SER D 168 -1.92 4.45 -28.69
CA SER D 168 -2.15 5.23 -27.49
C SER D 168 -1.03 5.03 -26.50
N LEU D 169 -0.31 3.93 -26.66
CA LEU D 169 0.76 3.59 -25.74
C LEU D 169 1.91 4.53 -25.97
N ILE D 170 2.00 5.05 -27.18
CA ILE D 170 3.19 5.74 -27.64
C ILE D 170 3.27 7.13 -27.02
N ASP D 171 2.11 7.75 -26.79
CA ASP D 171 2.04 9.15 -26.35
C ASP D 171 1.47 9.35 -24.96
N ALA D 172 2.30 9.45 -23.94
CA ALA D 172 1.73 9.62 -22.63
C ALA D 172 1.01 10.97 -22.53
N ASP D 173 1.42 11.89 -23.41
CA ASP D 173 1.09 13.30 -23.27
C ASP D 173 -0.40 13.44 -23.01
N PRO D 174 -1.29 13.02 -23.94
CA PRO D 174 -2.73 12.87 -23.64
C PRO D 174 -3.15 11.54 -22.95
N TYR D 175 -2.69 10.40 -23.44
CA TYR D 175 -3.29 9.12 -23.04
C TYR D 175 -3.17 8.58 -21.59
N LEU D 176 -2.17 8.98 -20.82
CA LEU D 176 -2.20 8.70 -19.39
C LEU D 176 -3.37 9.33 -18.64
N LYS D 177 -4.02 10.32 -19.26
CA LYS D 177 -5.19 10.94 -18.64
C LYS D 177 -6.31 9.91 -18.52
N TYR D 178 -6.41 9.03 -19.51
CA TYR D 178 -7.54 8.12 -19.69
C TYR D 178 -7.22 6.70 -19.22
N LEU D 179 -8.24 6.04 -18.67
CA LEU D 179 -8.13 4.71 -18.11
C LEU D 179 -8.11 3.74 -19.29
N PRO D 180 -7.49 2.57 -19.16
CA PRO D 180 -7.49 1.59 -20.24
C PRO D 180 -8.90 1.22 -20.75
N SER D 181 -9.91 1.25 -19.90
CA SER D 181 -11.24 0.84 -20.34
C SER D 181 -11.85 1.92 -21.24
N VAL D 182 -11.38 3.15 -21.08
CA VAL D 182 -11.93 4.30 -21.77
C VAL D 182 -11.17 4.44 -23.06
N ILE D 183 -9.91 4.06 -23.13
CA ILE D 183 -9.23 4.19 -24.40
C ILE D 183 -9.81 3.11 -25.31
N ALA D 184 -10.12 1.96 -24.72
CA ALA D 184 -10.51 0.81 -25.53
C ALA D 184 -11.96 1.04 -26.02
N GLY D 185 -12.72 1.74 -25.20
CA GLY D 185 -14.02 2.18 -25.66
C GLY D 185 -13.92 3.03 -26.91
N ALA D 186 -12.97 3.96 -26.89
CA ALA D 186 -12.80 4.89 -28.00
C ALA D 186 -12.18 4.16 -29.21
N ALA D 187 -11.35 3.15 -28.94
CA ALA D 187 -10.68 2.46 -30.02
C ALA D 187 -11.71 1.63 -30.75
N PHE D 188 -12.66 1.12 -29.98
CA PHE D 188 -13.66 0.22 -30.54
C PHE D 188 -14.61 1.08 -31.33
N HIS D 189 -15.04 2.19 -30.76
CA HIS D 189 -15.97 2.99 -31.52
C HIS D 189 -15.38 3.33 -32.89
N LEU D 190 -14.12 3.76 -32.88
CA LEU D 190 -13.49 4.31 -34.07
C LEU D 190 -13.14 3.21 -35.06
N ALA D 191 -12.89 2.01 -34.56
CA ALA D 191 -12.61 0.94 -35.50
C ALA D 191 -13.94 0.54 -36.13
N LEU D 192 -15.02 0.76 -35.39
CA LEU D 192 -16.34 0.29 -35.77
C LEU D 192 -16.84 1.28 -36.80
N TYR D 193 -16.69 2.57 -36.51
CA TYR D 193 -17.12 3.63 -37.40
C TYR D 193 -16.36 3.63 -38.72
N THR D 194 -15.13 3.15 -38.69
CA THR D 194 -14.24 3.31 -39.82
C THR D 194 -14.47 2.13 -40.74
N VAL D 195 -14.94 1.01 -40.18
CA VAL D 195 -15.00 -0.19 -40.98
C VAL D 195 -16.39 -0.49 -41.57
N THR D 196 -17.43 -0.17 -40.80
CA THR D 196 -18.77 -0.68 -41.08
C THR D 196 -19.81 0.39 -40.84
N GLY D 197 -19.38 1.47 -40.20
CA GLY D 197 -20.18 2.68 -40.08
C GLY D 197 -20.90 2.72 -38.76
N GLN D 198 -20.78 1.65 -37.98
CA GLN D 198 -21.51 1.55 -36.71
C GLN D 198 -20.79 2.27 -35.56
N SER D 199 -21.45 2.25 -34.41
CA SER D 199 -21.08 3.05 -33.27
C SER D 199 -20.98 2.17 -32.02
N TRP D 200 -20.83 2.83 -30.89
CA TRP D 200 -20.62 2.19 -29.61
C TRP D 200 -21.98 1.63 -29.33
N PRO D 201 -22.04 0.31 -29.16
CA PRO D 201 -23.30 -0.41 -29.11
C PRO D 201 -23.98 -0.13 -27.79
N GLU D 202 -25.30 -0.27 -27.75
CA GLU D 202 -26.04 0.00 -26.52
C GLU D 202 -25.76 -1.05 -25.45
N SER D 203 -25.35 -2.25 -25.87
CA SER D 203 -25.07 -3.30 -24.89
C SER D 203 -23.78 -2.99 -24.13
N LEU D 204 -22.92 -2.19 -24.73
CA LEU D 204 -21.66 -1.79 -24.13
C LEU D 204 -21.77 -0.51 -23.34
N ILE D 205 -22.66 0.38 -23.78
CA ILE D 205 -23.15 1.46 -22.90
C ILE D 205 -23.71 0.92 -21.58
N ARG D 206 -24.42 -0.20 -21.63
CA ARG D 206 -25.03 -0.77 -20.44
C ARG D 206 -23.95 -1.42 -19.59
N LYS D 207 -23.05 -2.17 -20.21
CA LYS D 207 -22.09 -3.01 -19.49
C LYS D 207 -21.09 -2.10 -18.74
N THR D 208 -20.56 -1.14 -19.49
CA THR D 208 -19.45 -0.29 -19.08
C THR D 208 -19.92 0.98 -18.38
N GLY D 209 -21.11 1.43 -18.77
CA GLY D 209 -21.74 2.57 -18.16
C GLY D 209 -21.22 3.83 -18.82
N TYR D 210 -20.60 3.67 -19.98
CA TYR D 210 -20.04 4.79 -20.74
C TYR D 210 -20.88 5.16 -21.95
N THR D 211 -21.48 6.33 -21.89
CA THR D 211 -22.09 6.88 -23.09
C THR D 211 -21.01 7.27 -24.09
N LEU D 212 -21.37 7.29 -25.37
CA LEU D 212 -20.55 7.92 -26.41
C LEU D 212 -20.13 9.35 -26.06
N GLU D 213 -21.00 10.06 -25.34
CA GLU D 213 -20.68 11.40 -24.89
C GLU D 213 -19.41 11.26 -24.00
N SER D 214 -19.38 10.28 -23.11
CA SER D 214 -18.38 10.27 -22.04
C SER D 214 -17.02 9.84 -22.59
N LEU D 215 -17.06 9.12 -23.68
CA LEU D 215 -15.89 8.87 -24.51
C LEU D 215 -15.40 9.96 -25.46
N LYS D 216 -16.16 11.00 -25.72
CA LYS D 216 -15.76 12.05 -26.68
C LYS D 216 -14.38 12.65 -26.36
N PRO D 217 -14.10 13.01 -25.12
CA PRO D 217 -12.76 13.57 -24.83
C PRO D 217 -11.63 12.71 -25.39
N CYS D 218 -11.63 11.45 -25.01
CA CYS D 218 -10.59 10.54 -25.41
C CYS D 218 -10.63 10.20 -26.89
N LEU D 219 -11.83 10.11 -27.43
CA LEU D 219 -12.05 9.72 -28.82
C LEU D 219 -11.65 10.86 -29.78
N MET D 220 -11.88 12.11 -29.37
CA MET D 220 -11.17 13.24 -30.00
C MET D 220 -9.66 13.02 -30.14
N ASP D 221 -8.96 12.81 -29.01
CA ASP D 221 -7.51 12.70 -29.02
C ASP D 221 -7.08 11.51 -29.88
N LEU D 222 -7.90 10.48 -29.89
CA LEU D 222 -7.59 9.26 -30.64
C LEU D 222 -7.78 9.37 -32.15
N HIS D 223 -8.77 10.16 -32.53
CA HIS D 223 -8.98 10.51 -33.93
C HIS D 223 -7.77 11.29 -34.48
N GLN D 224 -7.28 12.24 -33.70
CA GLN D 224 -6.15 13.02 -34.15
C GLN D 224 -4.91 12.12 -34.28
N THR D 225 -4.69 11.22 -33.34
CA THR D 225 -3.55 10.31 -33.42
C THR D 225 -3.67 9.49 -34.68
N TYR D 226 -4.92 9.19 -35.05
CA TYR D 226 -5.19 8.26 -36.14
C TYR D 226 -4.82 8.98 -37.46
N LEU D 227 -5.32 10.19 -37.62
CA LEU D 227 -4.94 11.08 -38.71
C LEU D 227 -3.43 11.24 -38.92
N LYS D 228 -2.69 11.40 -37.83
CA LYS D 228 -1.30 11.86 -37.90
C LYS D 228 -0.34 10.67 -37.86
N ALA D 229 -0.91 9.48 -37.86
CA ALA D 229 -0.09 8.32 -37.59
C ALA D 229 0.98 8.17 -38.66
N PRO D 230 0.68 8.47 -39.92
CA PRO D 230 1.66 8.24 -40.99
C PRO D 230 2.78 9.26 -40.97
N GLN D 231 2.54 10.36 -40.25
CA GLN D 231 3.49 11.46 -40.09
C GLN D 231 4.29 11.37 -38.78
N HIS D 232 3.78 10.59 -37.82
CA HIS D 232 4.38 10.50 -36.50
C HIS D 232 5.84 10.10 -36.65
N ALA D 233 6.67 10.63 -35.75
CA ALA D 233 8.07 10.27 -35.70
C ALA D 233 8.30 8.78 -35.39
N GLN D 234 7.30 8.10 -34.86
CA GLN D 234 7.48 6.70 -34.48
C GLN D 234 6.60 5.86 -35.39
N GLN D 235 7.13 4.81 -35.96
CA GLN D 235 6.43 4.19 -37.08
C GLN D 235 6.24 2.70 -36.89
N SER D 236 6.78 2.14 -35.81
CA SER D 236 6.94 0.70 -35.70
C SER D 236 5.61 -0.05 -35.66
N ILE D 237 4.58 0.63 -35.17
CA ILE D 237 3.25 0.08 -35.06
C ILE D 237 2.54 0.07 -36.43
N ARG D 238 2.48 1.22 -37.12
CA ARG D 238 1.99 1.24 -38.51
C ARG D 238 2.72 0.17 -39.34
N GLU D 239 4.02 0.01 -39.16
CA GLU D 239 4.69 -1.09 -39.84
C GLU D 239 4.10 -2.45 -39.39
N LYS D 240 3.93 -2.65 -38.09
CA LYS D 240 3.45 -3.93 -37.60
C LYS D 240 2.15 -4.34 -38.31
N TYR D 241 1.29 -3.35 -38.51
CA TYR D 241 -0.13 -3.56 -38.72
C TYR D 241 -0.49 -3.42 -40.20
N LYS D 242 0.52 -3.32 -41.06
CA LYS D 242 0.39 -3.47 -42.50
C LYS D 242 0.41 -4.96 -42.83
N ASN D 243 1.07 -5.75 -41.99
CA ASN D 243 1.10 -7.20 -42.12
C ASN D 243 -0.30 -7.78 -42.40
N SER D 244 -0.35 -8.96 -43.02
CA SER D 244 -1.62 -9.58 -43.37
C SER D 244 -2.25 -10.10 -42.08
N LYS D 245 -1.41 -10.52 -41.13
CA LYS D 245 -1.94 -11.12 -39.91
C LYS D 245 -2.86 -10.14 -39.14
N TYR D 246 -2.78 -8.86 -39.49
CA TYR D 246 -3.66 -7.87 -38.90
C TYR D 246 -4.49 -7.27 -40.02
N HIS D 247 -4.66 -8.07 -41.08
CA HIS D 247 -5.63 -7.76 -42.14
C HIS D 247 -5.37 -6.32 -42.62
N GLY D 248 -4.11 -5.88 -42.52
CA GLY D 248 -3.62 -4.63 -43.07
C GLY D 248 -4.32 -3.35 -42.66
N VAL D 249 -4.81 -3.32 -41.43
CA VAL D 249 -5.65 -2.21 -40.98
C VAL D 249 -4.93 -0.87 -40.98
N SER D 250 -3.60 -0.89 -40.99
CA SER D 250 -2.84 0.35 -40.86
C SER D 250 -2.85 1.14 -42.17
N LEU D 251 -2.86 0.42 -43.30
CA LEU D 251 -3.10 0.95 -44.65
C LEU D 251 -4.47 1.58 -44.86
N LEU D 252 -5.43 1.24 -44.00
CA LEU D 252 -6.76 1.80 -44.15
C LEU D 252 -6.74 3.31 -44.00
N ASN D 253 -7.90 3.89 -44.24
CA ASN D 253 -8.01 5.33 -44.35
C ASN D 253 -8.87 5.77 -43.18
N PRO D 254 -8.31 6.56 -42.28
CA PRO D 254 -9.15 7.14 -41.21
C PRO D 254 -10.32 7.92 -41.79
N PRO D 255 -11.41 8.04 -41.05
CA PRO D 255 -12.46 9.01 -41.36
C PRO D 255 -11.93 10.44 -41.29
N GLU D 256 -12.60 11.38 -41.95
CA GLU D 256 -12.30 12.81 -41.81
C GLU D 256 -12.90 13.28 -40.49
N THR D 257 -14.10 12.78 -40.16
CA THR D 257 -14.83 13.26 -39.00
C THR D 257 -15.56 12.11 -38.33
N LEU D 258 -16.14 12.39 -37.16
CA LEU D 258 -16.83 11.37 -36.38
C LEU D 258 -18.22 11.82 -36.01
N ASN D 259 -18.57 13.07 -36.27
CA ASN D 259 -19.97 13.45 -36.11
C ASN D 259 -20.39 13.37 -34.66
N LEU D 260 -19.51 13.76 -33.74
CA LEU D 260 -19.88 13.76 -32.32
C LEU D 260 -20.14 15.17 -31.75
N ARG E 1 4.46 -8.15 34.84
CA ARG E 1 3.67 -9.37 34.99
C ARG E 1 3.76 -10.16 33.72
N ARG E 2 3.96 -11.48 33.80
CA ARG E 2 3.75 -12.38 32.68
C ARG E 2 2.28 -12.59 32.53
N LEU E 3 1.70 -12.40 31.34
CA LEU E 3 0.26 -12.57 31.18
C LEU E 3 -0.13 -14.02 30.88
N ASN E 4 -0.92 -14.65 31.76
CA ASN E 4 -1.57 -15.95 31.57
C ASN E 4 -2.73 -15.74 30.65
N ARG F 1 19.54 -2.39 -30.90
CA ARG F 1 19.80 -0.97 -31.11
C ARG F 1 19.95 -0.29 -29.78
N ARG F 2 21.06 0.39 -29.55
CA ARG F 2 21.13 1.38 -28.47
C ARG F 2 20.20 2.51 -28.79
N LEU F 3 19.30 2.87 -27.88
CA LEU F 3 18.57 4.10 -28.15
C LEU F 3 19.40 5.29 -27.75
N ASN F 4 19.71 6.22 -28.63
CA ASN F 4 20.36 7.45 -28.21
C ASN F 4 19.30 8.49 -27.92
#